data_4P3G
#
_entry.id   4P3G
#
_cell.length_a   46.840
_cell.length_b   95.050
_cell.length_c   223.859
_cell.angle_alpha   90.000
_cell.angle_beta   90.000
_cell.angle_gamma   90.000
#
_symmetry.space_group_name_H-M   'P 21 21 21'
#
loop_
_entity.id
_entity.type
_entity.pdbx_description
1 polymer 'Signal recognition particle subunit SRP68'
2 non-polymer 'PHOSPHATE ION'
3 water water
#
_entity_poly.entity_id   1
_entity_poly.type   'polypeptide(L)'
_entity_poly.pdbx_seq_one_letter_code
;(MSE)SHHHHHHDITKFVVTSREKALLYGDYATYRTQLSGKLLNCRKKLNIATKNRGKFHPKTAITPEQIAENTEYVRLQ
LLTAERAWAHA(MSE)A(MSE)KAAHSANTKG(MSE)TGRTRSHIVSRLEKGARIAEKLAQALSDGASGASPTDILDARA
YAALLRGAALFEKQNWGACLKSYAICRIIYTALATSSKGDIFKELLSDTIDPS(MSE)RFAAYQAKIPRTLPIATIAHRA
FEQS
;
_entity_poly.pdbx_strand_id   A,B,C,D
#
# COMPACT_ATOMS: atom_id res chain seq x y z
N HIS A 6 35.01 19.66 8.79
CA HIS A 6 35.15 18.22 8.55
C HIS A 6 33.83 17.68 7.98
N HIS A 7 32.83 17.55 8.83
CA HIS A 7 31.51 17.13 8.39
C HIS A 7 30.60 18.29 8.69
N HIS A 8 29.74 18.62 7.74
CA HIS A 8 28.85 19.73 7.94
C HIS A 8 27.69 19.42 8.89
N ASP A 9 27.21 18.17 8.88
CA ASP A 9 26.17 17.73 9.80
C ASP A 9 24.98 18.70 9.81
N ILE A 10 24.41 18.91 8.63
CA ILE A 10 23.40 19.91 8.44
C ILE A 10 22.10 19.68 9.21
N THR A 11 21.48 18.53 9.04
CA THR A 11 20.21 18.30 9.72
C THR A 11 20.46 18.04 11.19
N LYS A 12 21.62 17.47 11.54
CA LYS A 12 21.96 17.35 12.95
C LYS A 12 22.05 18.75 13.57
N PHE A 13 22.64 19.70 12.85
CA PHE A 13 22.67 21.07 13.33
C PHE A 13 21.25 21.64 13.45
N VAL A 14 20.43 21.44 12.43
CA VAL A 14 19.07 21.96 12.43
C VAL A 14 18.20 21.36 13.54
N VAL A 15 18.15 20.04 13.61
CA VAL A 15 17.35 19.38 14.66
C VAL A 15 17.82 19.78 16.07
N THR A 16 19.13 19.95 16.25
CA THR A 16 19.67 20.37 17.55
C THR A 16 19.13 21.74 17.96
N SER A 17 19.20 22.71 17.05
CA SER A 17 18.73 24.05 17.35
C SER A 17 17.26 24.06 17.68
N ARG A 18 16.48 23.25 16.98
CA ARG A 18 15.05 23.22 17.21
C ARG A 18 14.82 22.64 18.60
N GLU A 19 15.55 21.57 18.92
CA GLU A 19 15.45 20.96 20.23
C GLU A 19 15.90 21.92 21.32
N LYS A 20 16.92 22.75 21.05
CA LYS A 20 17.40 23.70 22.06
C LYS A 20 16.31 24.68 22.47
N ALA A 21 15.71 25.30 21.47
CA ALA A 21 14.75 26.36 21.70
C ALA A 21 13.41 25.87 22.25
N LEU A 22 13.07 24.63 21.94
CA LEU A 22 11.78 24.08 22.35
C LEU A 22 11.83 23.41 23.73
N LEU A 23 12.97 23.52 24.39
CA LEU A 23 13.14 22.87 25.67
C LEU A 23 12.39 23.64 26.75
N TYR A 24 12.63 24.93 26.79
CA TYR A 24 11.98 25.81 27.77
C TYR A 24 11.16 26.86 27.03
N GLY A 25 11.00 26.66 25.73
CA GLY A 25 10.37 27.66 24.90
C GLY A 25 9.46 27.14 23.83
N ASP A 26 9.28 28.00 22.82
CA ASP A 26 8.45 27.73 21.65
C ASP A 26 9.09 28.32 20.39
N TYR A 27 8.34 28.38 19.30
CA TYR A 27 8.85 28.92 18.04
C TYR A 27 9.17 30.40 18.17
N ALA A 28 8.48 31.08 19.07
CA ALA A 28 8.78 32.48 19.28
C ALA A 28 10.18 32.56 19.90
N THR A 29 10.48 31.63 20.80
CA THR A 29 11.79 31.58 21.46
C THR A 29 12.91 31.30 20.48
N TYR A 30 12.68 30.34 19.60
CA TYR A 30 13.64 29.88 18.63
C TYR A 30 14.08 31.02 17.75
N ARG A 31 13.08 31.71 17.25
CA ARG A 31 13.26 32.82 16.34
C ARG A 31 14.15 33.90 16.93
N THR A 32 13.96 34.18 18.22
CA THR A 32 14.82 35.13 18.92
C THR A 32 16.22 34.55 18.95
N GLN A 33 16.34 33.32 19.42
CA GLN A 33 17.62 32.67 19.57
C GLN A 33 18.38 32.67 18.27
N LEU A 34 17.69 32.33 17.19
CA LEU A 34 18.28 32.31 15.86
C LEU A 34 18.78 33.69 15.42
N SER A 35 18.00 34.72 15.71
CA SER A 35 18.36 36.08 15.33
C SER A 35 19.64 36.56 16.00
N GLY A 36 19.87 36.10 17.21
CA GLY A 36 21.09 36.41 17.94
C GLY A 36 22.29 35.70 17.33
N LYS A 37 22.10 34.43 17.04
CA LYS A 37 23.16 33.62 16.47
C LYS A 37 23.49 34.05 15.04
N LEU A 38 22.47 34.46 14.30
CA LEU A 38 22.69 34.93 12.93
C LEU A 38 23.57 36.17 12.97
N LEU A 39 23.34 36.99 13.98
CA LEU A 39 24.06 38.24 14.15
C LEU A 39 25.54 37.97 14.46
N ASN A 40 25.80 37.13 15.45
CA ASN A 40 27.16 36.78 15.79
C ASN A 40 27.84 36.14 14.59
N CYS A 41 27.09 35.39 13.81
CA CYS A 41 27.67 34.69 12.69
C CYS A 41 28.19 35.67 11.63
N ARG A 42 27.39 36.68 11.32
CA ARG A 42 27.76 37.64 10.30
C ARG A 42 29.03 38.40 10.70
N LYS A 43 29.16 38.71 11.99
CA LYS A 43 30.34 39.41 12.46
C LYS A 43 31.60 38.56 12.27
N LYS A 44 31.51 37.27 12.56
CA LYS A 44 32.66 36.37 12.40
C LYS A 44 33.16 36.35 10.96
N LEU A 45 32.24 36.48 10.02
CA LEU A 45 32.57 36.40 8.60
C LEU A 45 32.85 37.78 8.05
N ASN A 46 32.90 38.76 8.94
CA ASN A 46 33.01 40.17 8.57
C ASN A 46 32.06 40.50 7.41
N ILE A 47 30.80 40.14 7.64
CA ILE A 47 29.68 40.43 6.77
C ILE A 47 28.75 41.46 7.41
N ALA A 48 28.26 42.41 6.62
CA ALA A 48 27.44 43.52 7.10
C ALA A 48 26.25 43.10 7.96
N THR A 49 26.07 43.76 9.09
CA THR A 49 24.90 43.52 9.94
C THR A 49 23.78 44.48 9.57
N LYS A 50 24.17 45.64 9.05
CA LYS A 50 23.24 46.64 8.52
C LYS A 50 23.69 47.01 7.11
N ASN A 51 22.97 46.49 6.11
CA ASN A 51 23.40 46.53 4.71
C ASN A 51 23.59 47.96 4.14
N ARG A 52 24.81 48.48 4.20
CA ARG A 52 25.06 49.87 3.76
C ARG A 52 26.35 50.22 2.97
N GLY A 53 27.20 49.22 2.77
CA GLY A 53 28.21 49.27 1.72
C GLY A 53 27.86 48.20 0.71
N LYS A 54 27.15 48.58 -0.35
CA LYS A 54 26.62 47.62 -1.32
C LYS A 54 27.60 47.33 -2.47
N PHE A 55 28.74 46.74 -2.15
CA PHE A 55 29.75 46.45 -3.17
C PHE A 55 29.38 45.18 -3.94
N HIS A 56 28.41 44.42 -3.41
CA HIS A 56 27.99 43.19 -4.07
C HIS A 56 26.55 42.80 -3.71
N PRO A 57 25.96 41.87 -4.48
CA PRO A 57 24.70 41.24 -4.05
C PRO A 57 24.93 40.33 -2.85
N LYS A 58 24.57 40.82 -1.67
CA LYS A 58 24.63 40.03 -0.44
C LYS A 58 23.91 38.67 -0.59
N THR A 59 24.49 37.63 0.01
CA THR A 59 23.85 36.30 0.22
C THR A 59 23.95 35.20 -0.87
N ALA A 60 24.72 35.44 -1.94
CA ALA A 60 24.90 34.38 -2.95
C ALA A 60 26.00 33.41 -2.54
N ILE A 61 25.64 32.18 -2.16
CA ILE A 61 26.64 31.25 -1.63
C ILE A 61 27.44 30.57 -2.75
N THR A 62 28.74 30.41 -2.53
CA THR A 62 29.61 29.80 -3.52
C THR A 62 30.37 28.62 -2.92
N PRO A 63 30.69 27.63 -3.76
CA PRO A 63 31.40 26.42 -3.36
C PRO A 63 32.74 26.72 -2.74
N GLU A 64 33.40 27.75 -3.24
CA GLU A 64 34.74 28.10 -2.77
C GLU A 64 34.66 28.70 -1.37
N GLN A 65 33.61 29.48 -1.11
CA GLN A 65 33.37 30.05 0.21
C GLN A 65 33.03 29.01 1.26
N ILE A 66 32.32 27.96 0.86
CA ILE A 66 32.04 26.87 1.79
C ILE A 66 33.31 26.13 2.14
N ALA A 67 34.15 25.88 1.14
CA ALA A 67 35.43 25.22 1.34
C ALA A 67 36.37 26.07 2.20
N GLU A 68 36.34 27.37 1.97
CA GLU A 68 37.21 28.32 2.67
C GLU A 68 36.83 28.38 4.15
N ASN A 69 35.56 28.57 4.41
CA ASN A 69 35.06 28.70 5.77
C ASN A 69 33.70 28.04 5.92
N THR A 70 33.59 27.12 6.86
CA THR A 70 32.34 26.39 7.10
C THR A 70 31.31 27.30 7.72
N GLU A 71 31.72 28.44 8.25
CA GLU A 71 30.76 29.36 8.82
C GLU A 71 29.76 29.85 7.76
N TYR A 72 30.18 29.88 6.51
CA TYR A 72 29.29 30.27 5.44
C TYR A 72 28.08 29.34 5.37
N VAL A 73 28.31 28.06 5.65
CA VAL A 73 27.21 27.11 5.76
C VAL A 73 26.36 27.45 6.98
N ARG A 74 26.99 27.71 8.12
CA ARG A 74 26.20 28.03 9.30
C ARG A 74 25.30 29.24 9.07
N LEU A 75 25.81 30.23 8.34
CA LEU A 75 25.03 31.41 8.02
C LEU A 75 23.75 31.02 7.29
N GLN A 76 23.86 30.11 6.33
CA GLN A 76 22.72 29.70 5.53
C GLN A 76 21.66 28.93 6.33
N LEU A 77 22.11 28.08 7.23
CA LEU A 77 21.19 27.30 8.05
C LEU A 77 20.38 28.24 8.95
N LEU A 78 21.08 29.13 9.64
CA LEU A 78 20.43 30.07 10.56
C LEU A 78 19.44 30.91 9.77
N THR A 79 19.83 31.28 8.56
CA THR A 79 18.96 32.10 7.75
C THR A 79 17.69 31.37 7.41
N ALA A 80 17.84 30.13 6.93
CA ALA A 80 16.69 29.31 6.55
C ALA A 80 15.85 28.95 7.77
N GLU A 81 16.54 28.56 8.84
CA GLU A 81 15.85 28.16 10.05
C GLU A 81 15.03 29.30 10.66
N ARG A 82 15.50 30.54 10.50
CA ARG A 82 14.77 31.67 11.05
C ARG A 82 13.41 31.86 10.34
N ALA A 83 13.39 31.73 9.02
CA ALA A 83 12.14 31.82 8.26
C ALA A 83 11.18 30.72 8.67
N TRP A 84 11.73 29.55 8.94
CA TRP A 84 10.96 28.41 9.38
C TRP A 84 10.29 28.74 10.73
N ALA A 85 11.07 29.34 11.62
CA ALA A 85 10.61 29.67 12.96
C ALA A 85 9.45 30.67 12.88
N HIS A 86 9.63 31.66 12.03
CA HIS A 86 8.64 32.70 11.87
C HIS A 86 7.35 32.05 11.34
N ALA A 87 7.49 31.16 10.37
CA ALA A 87 6.34 30.48 9.81
C ALA A 87 5.66 29.60 10.87
N ALA A 89 5.76 29.92 14.12
CA ALA A 89 5.22 30.77 15.18
C ALA A 89 3.84 31.33 14.84
N LYS A 91 1.73 30.03 12.63
CA LYS A 91 0.90 28.85 12.59
C LYS A 91 0.47 28.45 14.01
N ALA A 92 1.40 28.59 14.95
CA ALA A 92 1.14 28.24 16.33
C ALA A 92 0.11 29.17 16.95
N ALA A 93 0.19 30.46 16.62
CA ALA A 93 -0.73 31.42 17.19
C ALA A 93 -2.16 31.06 16.82
N HIS A 94 -2.33 30.66 15.57
CA HIS A 94 -3.65 30.33 15.01
C HIS A 94 -3.83 28.83 15.12
N SER A 95 -3.42 28.22 16.23
CA SER A 95 -3.52 26.76 16.34
C SER A 95 -4.96 26.27 16.45
N ALA A 96 -5.90 27.21 16.53
CA ALA A 96 -7.31 26.88 16.50
C ALA A 96 -7.59 26.87 15.01
N ASN A 97 -8.47 25.98 14.55
CA ASN A 97 -8.73 25.75 13.13
C ASN A 97 -8.58 26.98 12.21
N THR A 98 -8.15 26.72 10.99
CA THR A 98 -7.85 27.75 9.99
C THR A 98 -8.90 28.85 9.89
N LYS A 99 -10.11 28.57 10.36
CA LYS A 99 -11.18 29.56 10.34
C LYS A 99 -10.81 30.77 11.18
N GLY A 100 -9.96 30.58 12.19
CA GLY A 100 -9.37 31.68 12.91
C GLY A 100 -8.43 32.46 12.01
N THR A 102 -6.61 33.92 8.67
CA THR A 102 -6.87 34.47 7.35
C THR A 102 -6.08 33.79 6.24
N GLY A 103 -6.64 33.79 5.04
CA GLY A 103 -5.93 33.32 3.85
C GLY A 103 -4.68 34.17 3.65
N ARG A 104 -4.72 35.41 4.15
CA ARG A 104 -3.57 36.32 4.15
C ARG A 104 -2.39 35.80 4.98
N THR A 105 -2.71 35.36 6.20
CA THR A 105 -1.71 34.87 7.12
C THR A 105 -1.11 33.62 6.55
N ARG A 106 -1.94 32.81 5.90
CA ARG A 106 -1.43 31.61 5.25
C ARG A 106 -0.42 31.99 4.19
N SER A 107 -0.69 33.07 3.48
CA SER A 107 0.21 33.49 2.42
C SER A 107 1.58 33.88 2.95
N HIS A 108 1.59 34.58 4.09
CA HIS A 108 2.83 35.03 4.75
C HIS A 108 3.61 33.84 5.32
N ILE A 109 2.87 32.90 5.89
CA ILE A 109 3.44 31.66 6.39
C ILE A 109 4.11 30.88 5.26
N VAL A 110 3.43 30.78 4.13
CA VAL A 110 3.99 30.09 2.99
C VAL A 110 5.21 30.82 2.45
N SER A 111 5.17 32.16 2.39
CA SER A 111 6.31 33.00 1.96
C SER A 111 7.59 32.72 2.70
N ARG A 112 7.45 32.51 4.01
CA ARG A 112 8.56 32.26 4.90
C ARG A 112 9.19 30.95 4.55
N LEU A 113 8.35 29.93 4.53
CA LEU A 113 8.80 28.59 4.19
C LEU A 113 9.41 28.50 2.80
N GLU A 114 8.80 29.17 1.83
CA GLU A 114 9.30 29.10 0.47
C GLU A 114 10.67 29.79 0.42
N LYS A 115 10.84 30.84 1.21
CA LYS A 115 12.13 31.51 1.32
C LYS A 115 13.17 30.60 1.97
N GLY A 116 12.78 29.94 3.05
CA GLY A 116 13.67 29.00 3.70
C GLY A 116 14.06 27.87 2.76
N ALA A 117 13.10 27.39 1.96
CA ALA A 117 13.37 26.33 0.98
C ALA A 117 14.42 26.81 -0.04
N ARG A 118 14.20 28.00 -0.59
CA ARG A 118 15.12 28.54 -1.59
C ARG A 118 16.53 28.64 -1.02
N ILE A 119 16.65 29.05 0.24
CA ILE A 119 17.98 29.19 0.83
C ILE A 119 18.64 27.83 0.98
N ALA A 120 17.88 26.86 1.48
CA ALA A 120 18.42 25.52 1.69
C ALA A 120 18.72 24.86 0.36
N GLU A 121 17.92 25.14 -0.65
CA GLU A 121 18.12 24.51 -1.95
C GLU A 121 19.43 24.98 -2.56
N LYS A 122 19.70 26.28 -2.43
CA LYS A 122 20.94 26.83 -2.94
C LYS A 122 22.12 26.27 -2.17
N LEU A 123 21.91 25.96 -0.90
CA LEU A 123 22.98 25.42 -0.07
C LEU A 123 23.33 24.01 -0.53
N ALA A 124 22.30 23.22 -0.84
CA ALA A 124 22.50 21.86 -1.32
C ALA A 124 23.24 21.89 -2.66
N GLN A 125 22.80 22.75 -3.56
CA GLN A 125 23.43 22.83 -4.87
C GLN A 125 24.89 23.28 -4.79
N ALA A 126 25.19 24.23 -3.92
CA ALA A 126 26.58 24.67 -3.81
C ALA A 126 27.42 23.53 -3.24
N LEU A 127 26.89 22.88 -2.21
CA LEU A 127 27.60 21.76 -1.60
C LEU A 127 27.86 20.64 -2.58
N SER A 128 26.96 20.46 -3.53
CA SER A 128 27.04 19.27 -4.37
C SER A 128 28.18 19.35 -5.38
N ASP A 129 28.04 20.16 -6.41
CA ASP A 129 28.94 19.99 -7.53
C ASP A 129 30.36 20.56 -7.41
N GLY A 130 30.52 21.81 -7.00
CA GLY A 130 31.78 22.50 -7.25
C GLY A 130 33.04 22.17 -6.48
N ALA A 131 33.17 20.93 -5.98
CA ALA A 131 34.31 20.57 -5.15
C ALA A 131 34.38 21.57 -3.99
N SER A 132 33.27 21.62 -3.25
CA SER A 132 33.09 22.39 -2.02
C SER A 132 33.89 21.72 -0.92
N GLY A 133 34.29 20.49 -1.18
CA GLY A 133 35.03 19.66 -0.24
C GLY A 133 34.08 18.81 0.56
N ALA A 134 32.79 18.97 0.25
CA ALA A 134 31.77 18.26 0.98
C ALA A 134 31.79 16.81 0.59
N SER A 135 31.68 15.94 1.60
CA SER A 135 31.54 14.51 1.39
C SER A 135 30.19 14.19 0.74
N PRO A 136 30.08 13.03 0.08
CA PRO A 136 28.80 12.61 -0.48
C PRO A 136 27.69 12.51 0.57
N THR A 137 28.02 12.14 1.80
CA THR A 137 26.98 12.12 2.85
C THR A 137 26.42 13.52 3.12
N ASP A 138 27.29 14.51 3.14
CA ASP A 138 26.88 15.89 3.35
C ASP A 138 26.04 16.42 2.20
N ILE A 139 26.39 16.03 0.99
CA ILE A 139 25.63 16.45 -0.16
C ILE A 139 24.20 15.89 -0.13
N LEU A 140 24.08 14.62 0.22
CA LEU A 140 22.77 13.97 0.35
C LEU A 140 21.99 14.61 1.48
N ASP A 141 22.66 14.81 2.60
CA ASP A 141 22.06 15.39 3.78
C ASP A 141 21.47 16.76 3.49
N ALA A 142 22.26 17.61 2.87
CA ALA A 142 21.81 18.94 2.49
C ALA A 142 20.57 18.86 1.65
N ARG A 143 20.61 17.95 0.69
CA ARG A 143 19.50 17.83 -0.20
C ARG A 143 18.21 17.35 0.48
N ALA A 144 18.32 16.39 1.41
CA ALA A 144 17.17 15.95 2.20
C ALA A 144 16.58 17.16 2.94
N TYR A 145 17.44 17.93 3.61
CA TYR A 145 17.01 19.11 4.33
C TYR A 145 16.28 20.09 3.41
N ALA A 146 16.82 20.27 2.21
CA ALA A 146 16.16 21.16 1.27
C ALA A 146 14.81 20.57 0.87
N ALA A 147 14.72 19.25 0.80
CA ALA A 147 13.48 18.61 0.39
C ALA A 147 12.48 18.75 1.49
N LEU A 148 13.00 18.72 2.71
CA LEU A 148 12.20 18.80 3.93
C LEU A 148 11.51 20.17 4.03
N LEU A 149 12.29 21.22 3.81
CA LEU A 149 11.71 22.55 3.91
C LEU A 149 10.74 22.76 2.76
N ARG A 150 11.11 22.29 1.56
CA ARG A 150 10.26 22.48 0.39
C ARG A 150 8.95 21.72 0.59
N GLY A 151 9.03 20.57 1.26
CA GLY A 151 7.85 19.82 1.62
C GLY A 151 6.92 20.59 2.55
N ALA A 152 7.49 21.22 3.57
CA ALA A 152 6.73 22.01 4.53
C ALA A 152 6.01 23.15 3.83
N ALA A 153 6.71 23.81 2.91
CA ALA A 153 6.13 24.94 2.23
C ALA A 153 4.88 24.53 1.45
N LEU A 154 4.98 23.48 0.62
CA LEU A 154 3.84 23.07 -0.21
C LEU A 154 2.71 22.46 0.64
N PHE A 155 3.09 21.82 1.72
CA PHE A 155 2.09 21.30 2.65
C PHE A 155 1.23 22.44 3.24
N GLU A 156 1.86 23.57 3.60
CA GLU A 156 1.14 24.72 4.13
C GLU A 156 0.27 25.40 3.07
N LYS A 157 0.74 25.37 1.83
CA LYS A 157 0.02 25.92 0.69
C LYS A 157 -1.13 25.01 0.31
N GLN A 158 -1.17 23.83 0.94
CA GLN A 158 -2.23 22.86 0.70
C GLN A 158 -2.15 22.29 -0.72
N ASN A 159 -0.95 22.31 -1.28
CA ASN A 159 -0.70 21.74 -2.59
C ASN A 159 -0.18 20.32 -2.40
N TRP A 160 -1.10 19.40 -2.13
CA TRP A 160 -0.77 18.06 -1.62
C TRP A 160 0.11 17.20 -2.50
N GLY A 161 -0.15 17.15 -3.79
CA GLY A 161 0.67 16.32 -4.64
C GLY A 161 2.13 16.74 -4.66
N ALA A 162 2.36 18.02 -4.94
CA ALA A 162 3.72 18.52 -5.10
C ALA A 162 4.51 18.31 -3.82
N CYS A 163 3.83 18.48 -2.70
CA CYS A 163 4.42 18.36 -1.38
C CYS A 163 4.90 16.92 -1.15
N LEU A 164 4.11 15.98 -1.69
CA LEU A 164 4.44 14.57 -1.58
C LEU A 164 5.68 14.27 -2.36
N LYS A 165 5.87 14.96 -3.49
CA LYS A 165 7.10 14.77 -4.27
C LYS A 165 8.31 15.18 -3.44
N SER A 166 8.25 16.31 -2.73
CA SER A 166 9.40 16.72 -1.93
C SER A 166 9.67 15.78 -0.78
N TYR A 167 8.62 15.44 -0.05
CA TYR A 167 8.76 14.59 1.12
C TYR A 167 9.26 13.20 0.77
N ALA A 168 8.88 12.72 -0.42
CA ALA A 168 9.34 11.42 -0.86
C ALA A 168 10.86 11.48 -1.01
N ILE A 169 11.37 12.54 -1.63
CA ILE A 169 12.82 12.65 -1.80
C ILE A 169 13.49 12.61 -0.41
N CYS A 170 13.07 13.45 0.53
CA CYS A 170 13.82 13.49 1.78
C CYS A 170 13.65 12.24 2.65
N ARG A 171 12.48 11.66 2.61
CA ARG A 171 12.27 10.44 3.36
C ARG A 171 13.17 9.31 2.88
N ILE A 172 13.32 9.21 1.55
CA ILE A 172 14.14 8.14 0.99
C ILE A 172 15.58 8.33 1.44
N ILE A 173 16.10 9.54 1.27
CA ILE A 173 17.45 9.87 1.67
C ILE A 173 17.63 9.73 3.17
N TYR A 174 16.70 10.25 3.95
CA TYR A 174 16.81 10.16 5.41
C TYR A 174 16.75 8.74 5.93
N THR A 175 15.92 7.93 5.31
CA THR A 175 15.83 6.54 5.72
C THR A 175 17.16 5.88 5.55
N ALA A 176 17.88 6.28 4.51
CA ALA A 176 19.21 5.74 4.30
C ALA A 176 20.19 6.26 5.36
N LEU A 177 20.17 7.58 5.60
CA LEU A 177 21.07 8.24 6.55
C LEU A 177 20.81 7.80 7.97
N ALA A 178 19.56 7.45 8.26
CA ALA A 178 19.20 7.00 9.59
C ALA A 178 19.87 5.70 9.82
N THR A 179 19.64 4.83 8.86
CA THR A 179 20.02 3.43 8.94
C THR A 179 21.55 3.26 9.05
N SER A 180 22.29 4.15 8.41
CA SER A 180 23.75 4.19 8.54
C SER A 180 24.20 4.56 9.97
N SER A 181 23.43 5.43 10.61
CA SER A 181 23.72 5.92 11.96
C SER A 181 22.71 5.42 13.00
N LYS A 182 21.82 4.52 12.57
CA LYS A 182 20.68 4.05 13.37
C LYS A 182 19.75 5.26 13.53
N GLY A 183 20.18 6.38 12.97
CA GLY A 183 19.49 7.66 12.96
C GLY A 183 18.67 7.92 14.19
N ASP A 184 19.33 8.08 15.33
CA ASP A 184 18.62 8.35 16.56
C ASP A 184 18.11 9.80 16.48
N ILE A 185 18.56 10.51 15.45
CA ILE A 185 18.10 11.86 15.16
C ILE A 185 17.31 11.79 13.87
N PHE A 186 17.77 10.98 12.93
CA PHE A 186 17.04 10.82 11.67
C PHE A 186 15.74 10.02 11.86
N LYS A 187 15.76 8.99 12.71
CA LYS A 187 14.50 8.27 12.97
C LYS A 187 13.49 9.21 13.62
N GLU A 188 13.94 10.05 14.55
CA GLU A 188 12.98 10.95 15.20
C GLU A 188 12.43 11.89 14.15
N LEU A 189 13.29 12.40 13.29
CA LEU A 189 12.82 13.32 12.27
C LEU A 189 11.84 12.63 11.29
N LEU A 190 12.13 11.39 10.90
CA LEU A 190 11.25 10.61 10.02
C LEU A 190 9.95 10.32 10.74
N SER A 191 10.10 9.88 11.98
CA SER A 191 8.97 9.44 12.78
C SER A 191 7.99 10.55 13.17
N ASP A 192 8.53 11.72 13.50
CA ASP A 192 7.76 12.81 14.07
C ASP A 192 7.33 13.86 13.06
N THR A 193 7.98 13.93 11.90
CA THR A 193 7.67 15.01 10.97
C THR A 193 7.36 14.52 9.55
N ILE A 194 8.28 13.75 9.00
CA ILE A 194 8.13 13.33 7.63
C ILE A 194 6.97 12.35 7.46
N ASP A 195 6.99 11.27 8.23
CA ASP A 195 5.93 10.28 8.09
C ASP A 195 4.52 10.86 8.32
N PRO A 196 4.31 11.59 9.44
CA PRO A 196 2.96 12.11 9.68
C PRO A 196 2.48 13.10 8.63
N SER A 197 3.40 13.88 8.07
CA SER A 197 3.03 14.87 7.05
C SER A 197 2.61 14.15 5.80
N ARG A 199 1.49 11.05 5.52
CA ARG A 199 0.25 10.33 5.68
C ARG A 199 -0.93 11.28 5.52
N PHE A 200 -0.78 12.48 6.05
CA PHE A 200 -1.85 13.47 5.96
C PHE A 200 -2.05 13.93 4.52
N ALA A 201 -0.96 14.32 3.88
CA ALA A 201 -1.03 14.81 2.52
C ALA A 201 -1.53 13.72 1.58
N ALA A 202 -1.15 12.47 1.83
CA ALA A 202 -1.58 11.37 0.97
C ALA A 202 -3.09 11.20 1.15
N TYR A 203 -3.54 11.29 2.40
CA TYR A 203 -4.96 11.27 2.67
C TYR A 203 -5.69 12.39 1.93
N GLN A 204 -5.17 13.61 2.01
CA GLN A 204 -5.83 14.72 1.33
C GLN A 204 -5.86 14.53 -0.17
N ALA A 205 -4.79 13.97 -0.69
CA ALA A 205 -4.68 13.79 -2.13
C ALA A 205 -5.46 12.57 -2.61
N LYS A 206 -6.02 11.80 -1.68
CA LYS A 206 -6.68 10.54 -2.03
C LYS A 206 -5.68 9.55 -2.70
N ILE A 207 -4.42 9.63 -2.30
CA ILE A 207 -3.40 8.68 -2.74
C ILE A 207 -3.14 7.61 -1.68
N PRO A 208 -3.27 6.32 -2.05
CA PRO A 208 -3.57 5.72 -3.36
C PRO A 208 -5.04 5.79 -3.78
N ARG A 209 -5.31 5.84 -5.08
CA ARG A 209 -6.66 5.94 -5.61
C ARG A 209 -7.44 4.70 -5.21
N THR A 210 -6.83 3.54 -5.38
CA THR A 210 -7.47 2.29 -5.03
C THR A 210 -7.37 2.00 -3.54
N LEU A 211 -8.51 1.82 -2.88
CA LEU A 211 -8.51 1.51 -1.46
C LEU A 211 -7.87 0.14 -1.17
N PRO A 212 -6.83 0.10 -0.33
CA PRO A 212 -6.19 -1.20 -0.11
C PRO A 212 -7.08 -2.01 0.79
N ILE A 213 -7.96 -2.84 0.28
CA ILE A 213 -8.96 -3.37 1.15
C ILE A 213 -8.57 -4.72 1.70
N ALA A 214 -7.59 -5.36 1.08
CA ALA A 214 -7.11 -6.64 1.60
C ALA A 214 -6.20 -6.40 2.78
N THR A 215 -5.41 -5.34 2.68
CA THR A 215 -4.54 -4.87 3.74
C THR A 215 -5.38 -4.51 4.95
N ILE A 216 -6.38 -3.69 4.70
CA ILE A 216 -7.31 -3.31 5.73
C ILE A 216 -8.01 -4.54 6.30
N ALA A 217 -8.51 -5.40 5.45
CA ALA A 217 -9.19 -6.59 5.96
C ALA A 217 -8.28 -7.40 6.87
N HIS A 218 -7.04 -7.63 6.44
CA HIS A 218 -6.14 -8.41 7.28
C HIS A 218 -5.79 -7.69 8.58
N ARG A 219 -5.49 -6.39 8.52
CA ARG A 219 -5.08 -5.68 9.72
C ARG A 219 -6.21 -5.44 10.70
N ALA A 220 -7.37 -5.07 10.18
CA ALA A 220 -8.53 -4.81 11.05
C ALA A 220 -8.82 -6.05 11.86
N PHE A 221 -8.79 -7.20 11.21
CA PHE A 221 -9.10 -8.48 11.86
C PHE A 221 -7.97 -9.02 12.73
N GLU A 222 -6.78 -8.45 12.56
CA GLU A 222 -5.61 -8.81 13.36
C GLU A 222 -5.78 -8.45 14.83
N GLN A 223 -6.44 -7.32 15.11
CA GLN A 223 -6.66 -6.88 16.49
C GLN A 223 -7.46 -7.92 17.29
N SER A 224 -8.38 -8.62 16.62
CA SER A 224 -9.14 -9.69 17.27
C SER A 224 -8.50 -11.05 17.02
N HIS B 7 -36.96 -8.32 -4.78
CA HIS B 7 -37.58 -9.05 -3.68
C HIS B 7 -37.77 -8.16 -2.45
N HIS B 8 -36.81 -8.18 -1.55
CA HIS B 8 -36.93 -7.43 -0.30
C HIS B 8 -36.38 -6.01 -0.40
N ASP B 9 -35.34 -5.83 -1.21
CA ASP B 9 -34.78 -4.50 -1.49
C ASP B 9 -34.45 -3.67 -0.24
N ILE B 10 -33.65 -4.21 0.67
CA ILE B 10 -33.38 -3.52 1.94
C ILE B 10 -32.59 -2.22 1.78
N THR B 11 -31.38 -2.32 1.23
CA THR B 11 -30.51 -1.15 1.08
C THR B 11 -31.06 -0.23 0.00
N LYS B 12 -31.72 -0.84 -0.99
CA LYS B 12 -32.36 -0.07 -2.05
C LYS B 12 -33.38 0.85 -1.39
N PHE B 13 -34.15 0.29 -0.47
CA PHE B 13 -35.17 1.05 0.23
C PHE B 13 -34.53 2.15 1.04
N VAL B 14 -33.52 1.81 1.83
CA VAL B 14 -32.91 2.77 2.76
C VAL B 14 -32.22 3.93 2.02
N VAL B 15 -31.35 3.60 1.07
CA VAL B 15 -30.64 4.61 0.27
C VAL B 15 -31.64 5.52 -0.46
N THR B 16 -32.78 4.97 -0.85
CA THR B 16 -33.82 5.77 -1.49
C THR B 16 -34.31 6.89 -0.55
N SER B 17 -34.62 6.51 0.68
CA SER B 17 -35.14 7.44 1.66
C SER B 17 -34.14 8.56 2.00
N ARG B 18 -32.86 8.20 2.11
CA ARG B 18 -31.83 9.16 2.48
C ARG B 18 -31.54 10.20 1.40
N GLU B 19 -31.49 9.78 0.16
CA GLU B 19 -31.20 10.69 -0.94
C GLU B 19 -32.29 11.74 -1.09
N LYS B 20 -33.53 11.30 -0.94
CA LYS B 20 -34.70 12.16 -1.13
C LYS B 20 -34.81 13.24 -0.06
N ALA B 21 -34.78 12.81 1.20
CA ALA B 21 -35.04 13.71 2.33
C ALA B 21 -33.91 14.69 2.60
N LEU B 22 -32.68 14.33 2.27
CA LEU B 22 -31.55 15.20 2.58
C LEU B 22 -31.24 16.17 1.46
N LEU B 23 -31.92 15.99 0.35
CA LEU B 23 -31.75 16.84 -0.80
C LEU B 23 -32.52 18.09 -0.48
N TYR B 24 -33.71 17.89 0.08
CA TYR B 24 -34.64 18.97 0.36
C TYR B 24 -34.85 19.17 1.86
N GLY B 25 -33.97 18.58 2.66
CA GLY B 25 -34.11 18.67 4.10
C GLY B 25 -32.86 18.21 4.82
N ASP B 26 -33.01 17.83 6.08
CA ASP B 26 -31.90 17.35 6.89
C ASP B 26 -32.32 16.20 7.77
N TYR B 27 -31.44 15.78 8.67
CA TYR B 27 -31.72 14.62 9.51
C TYR B 27 -32.94 14.84 10.41
N ALA B 28 -33.19 16.07 10.81
CA ALA B 28 -34.32 16.34 11.69
C ALA B 28 -35.64 16.06 10.96
N THR B 29 -35.70 16.48 9.70
CA THR B 29 -36.88 16.25 8.89
C THR B 29 -37.02 14.76 8.60
N TYR B 30 -35.90 14.08 8.34
CA TYR B 30 -35.90 12.64 8.03
C TYR B 30 -36.45 11.83 9.19
N ARG B 31 -35.95 12.09 10.39
CA ARG B 31 -36.46 11.45 11.59
C ARG B 31 -37.96 11.66 11.76
N THR B 32 -38.43 12.87 11.48
CA THR B 32 -39.87 13.17 11.53
C THR B 32 -40.62 12.35 10.49
N GLN B 33 -40.13 12.44 9.25
CA GLN B 33 -40.77 11.75 8.12
C GLN B 33 -40.84 10.26 8.43
N LEU B 34 -39.77 9.72 9.01
CA LEU B 34 -39.74 8.31 9.41
C LEU B 34 -40.80 7.94 10.44
N SER B 35 -40.97 8.80 11.42
CA SER B 35 -41.96 8.56 12.48
C SER B 35 -43.38 8.47 11.92
N GLY B 36 -43.64 9.19 10.84
CA GLY B 36 -44.92 9.12 10.18
C GLY B 36 -45.07 7.76 9.55
N LYS B 37 -44.01 7.31 8.88
CA LYS B 37 -44.01 6.02 8.22
C LYS B 37 -44.05 4.87 9.24
N LEU B 38 -43.31 5.03 10.34
CA LEU B 38 -43.25 4.03 11.39
C LEU B 38 -44.59 3.81 12.06
N LEU B 39 -45.33 4.90 12.23
CA LEU B 39 -46.64 4.87 12.85
C LEU B 39 -47.63 4.09 11.99
N ASN B 40 -47.67 4.44 10.70
CA ASN B 40 -48.55 3.80 9.73
C ASN B 40 -48.31 2.31 9.66
N CYS B 41 -47.04 1.95 9.80
CA CYS B 41 -46.56 0.58 9.71
C CYS B 41 -47.07 -0.27 10.88
N ARG B 42 -47.03 0.30 12.08
CA ARG B 42 -47.41 -0.41 13.29
C ARG B 42 -48.89 -0.84 13.37
N LYS B 43 -49.78 0.01 12.87
CA LYS B 43 -51.22 -0.27 12.89
C LYS B 43 -51.55 -1.52 12.06
N LYS B 44 -50.95 -1.60 10.88
CA LYS B 44 -51.15 -2.76 10.01
C LYS B 44 -50.68 -4.03 10.74
N LEU B 45 -49.67 -3.85 11.58
CA LEU B 45 -49.01 -4.94 12.30
C LEU B 45 -49.65 -5.21 13.67
N ASN B 46 -50.82 -4.61 13.91
CA ASN B 46 -51.57 -4.80 15.15
C ASN B 46 -50.97 -4.21 16.43
N ILE B 47 -49.90 -3.44 16.31
CA ILE B 47 -49.40 -2.72 17.48
C ILE B 47 -49.62 -1.22 17.33
N ALA B 60 -38.97 -7.90 19.29
CA ALA B 60 -38.09 -9.00 18.95
C ALA B 60 -38.55 -9.74 17.69
N ILE B 61 -37.81 -9.59 16.60
CA ILE B 61 -38.20 -10.17 15.32
C ILE B 61 -37.84 -11.65 15.18
N THR B 62 -38.72 -12.40 14.53
CA THR B 62 -38.57 -13.85 14.32
C THR B 62 -38.64 -14.19 12.84
N PRO B 63 -38.00 -15.29 12.43
CA PRO B 63 -38.01 -15.71 11.01
C PRO B 63 -39.42 -15.95 10.47
N GLU B 64 -40.29 -16.46 11.31
CA GLU B 64 -41.65 -16.84 10.93
C GLU B 64 -42.52 -15.63 10.63
N GLN B 65 -42.29 -14.56 11.39
CA GLN B 65 -43.02 -13.32 11.21
C GLN B 65 -42.70 -12.69 9.87
N ILE B 66 -41.44 -12.83 9.48
CA ILE B 66 -40.94 -12.32 8.20
C ILE B 66 -41.56 -13.12 7.06
N ALA B 67 -41.71 -14.41 7.27
CA ALA B 67 -42.35 -15.27 6.29
C ALA B 67 -43.81 -14.85 6.12
N GLU B 68 -44.46 -14.49 7.23
CA GLU B 68 -45.87 -14.07 7.22
C GLU B 68 -46.11 -12.74 6.52
N ASN B 69 -45.38 -11.71 6.90
CA ASN B 69 -45.62 -10.39 6.32
C ASN B 69 -44.35 -9.57 6.16
N THR B 70 -44.20 -8.99 4.98
CA THR B 70 -43.03 -8.17 4.65
C THR B 70 -42.97 -6.89 5.48
N GLU B 71 -44.09 -6.49 6.07
CA GLU B 71 -44.11 -5.28 6.88
C GLU B 71 -43.26 -5.42 8.14
N TYR B 72 -43.12 -6.65 8.65
CA TYR B 72 -42.25 -6.89 9.79
C TYR B 72 -40.82 -6.48 9.44
N VAL B 73 -40.42 -6.72 8.20
CA VAL B 73 -39.11 -6.28 7.74
C VAL B 73 -39.07 -4.76 7.63
N ARG B 74 -40.10 -4.19 7.02
CA ARG B 74 -40.19 -2.75 6.88
C ARG B 74 -40.19 -2.10 8.25
N LEU B 75 -40.82 -2.77 9.20
CA LEU B 75 -40.90 -2.27 10.57
C LEU B 75 -39.48 -2.10 11.10
N GLN B 76 -38.65 -3.11 10.88
CA GLN B 76 -37.27 -3.12 11.34
C GLN B 76 -36.41 -2.05 10.66
N LEU B 77 -36.63 -1.83 9.37
CA LEU B 77 -35.89 -0.80 8.66
C LEU B 77 -36.17 0.58 9.21
N LEU B 78 -37.46 0.88 9.36
CA LEU B 78 -37.89 2.18 9.87
C LEU B 78 -37.33 2.39 11.26
N THR B 79 -37.38 1.34 12.09
CA THR B 79 -36.86 1.45 13.46
C THR B 79 -35.36 1.69 13.47
N ALA B 80 -34.62 0.94 12.67
CA ALA B 80 -33.17 1.09 12.60
C ALA B 80 -32.80 2.45 12.02
N GLU B 81 -33.48 2.82 10.94
CA GLU B 81 -33.20 4.06 10.25
C GLU B 81 -33.54 5.29 11.11
N ARG B 82 -34.59 5.17 11.92
CA ARG B 82 -34.99 6.23 12.83
C ARG B 82 -33.94 6.43 13.91
N ALA B 83 -33.36 5.33 14.40
CA ALA B 83 -32.35 5.43 15.43
C ALA B 83 -31.15 6.17 14.86
N TRP B 84 -30.84 5.84 13.60
CA TRP B 84 -29.75 6.47 12.87
C TRP B 84 -29.94 7.99 12.65
N ALA B 85 -31.13 8.38 12.24
CA ALA B 85 -31.45 9.77 11.96
C ALA B 85 -31.33 10.56 13.26
N HIS B 86 -31.76 9.93 14.35
CA HIS B 86 -31.68 10.57 15.64
C HIS B 86 -30.24 10.93 15.99
N ALA B 87 -29.31 10.00 15.75
CA ALA B 87 -27.91 10.26 16.11
C ALA B 87 -27.34 11.43 15.31
N ALA B 89 -29.00 13.92 13.62
CA ALA B 89 -29.64 15.19 13.98
C ALA B 89 -29.06 15.71 15.27
N LYS B 91 -25.99 15.04 16.40
CA LYS B 91 -24.65 15.46 16.07
C LYS B 91 -24.71 16.75 15.27
N ALA B 92 -25.66 16.86 14.34
CA ALA B 92 -25.76 18.06 13.53
C ALA B 92 -26.08 19.25 14.41
N ALA B 93 -27.01 19.07 15.34
CA ALA B 93 -27.45 20.15 16.21
C ALA B 93 -26.33 20.68 17.09
N HIS B 94 -25.47 19.79 17.59
CA HIS B 94 -24.44 20.24 18.52
C HIS B 94 -23.15 20.54 17.75
N SER B 95 -23.16 20.28 16.45
CA SER B 95 -22.01 20.61 15.63
C SER B 95 -21.97 22.13 15.47
N ALA B 96 -23.14 22.72 15.27
CA ALA B 96 -23.26 24.16 15.12
C ALA B 96 -23.49 24.91 16.43
N ASN B 97 -22.82 24.50 17.50
CA ASN B 97 -23.01 25.13 18.80
C ASN B 97 -21.68 25.74 19.22
N THR B 98 -20.73 25.63 18.28
CA THR B 98 -19.31 26.02 18.41
C THR B 98 -18.51 25.32 19.52
N LYS B 99 -19.09 25.15 20.71
CA LYS B 99 -18.41 24.42 21.75
C LYS B 99 -18.36 22.97 21.29
N GLY B 100 -17.30 22.25 21.62
CA GLY B 100 -17.29 20.82 21.41
C GLY B 100 -18.38 20.26 22.28
N THR B 102 -20.72 18.06 24.72
CA THR B 102 -20.40 17.31 25.93
C THR B 102 -20.21 15.81 25.65
N GLY B 103 -19.39 15.16 26.47
CA GLY B 103 -19.15 13.73 26.36
C GLY B 103 -20.46 13.00 26.54
N ARG B 104 -21.37 13.59 27.31
CA ARG B 104 -22.71 13.06 27.51
C ARG B 104 -23.43 13.04 26.16
N THR B 105 -23.29 14.12 25.42
CA THR B 105 -23.92 14.24 24.12
C THR B 105 -23.25 13.29 23.13
N ARG B 106 -21.93 13.17 23.17
CA ARG B 106 -21.28 12.21 22.25
C ARG B 106 -21.76 10.79 22.53
N SER B 107 -21.87 10.48 23.81
CA SER B 107 -22.25 9.14 24.26
C SER B 107 -23.65 8.77 23.81
N HIS B 108 -24.57 9.73 23.82
CA HIS B 108 -25.95 9.46 23.41
C HIS B 108 -26.00 9.15 21.92
N ILE B 109 -25.21 9.89 21.15
CA ILE B 109 -25.12 9.68 19.71
C ILE B 109 -24.66 8.26 19.38
N VAL B 110 -23.63 7.80 20.07
CA VAL B 110 -23.12 6.44 19.84
C VAL B 110 -24.14 5.39 20.27
N SER B 111 -24.77 5.63 21.40
CA SER B 111 -25.81 4.76 21.92
C SER B 111 -26.92 4.58 20.90
N ARG B 112 -27.27 5.68 20.24
CA ARG B 112 -28.38 5.63 19.31
C ARG B 112 -28.01 4.82 18.08
N LEU B 113 -26.78 5.01 17.60
CA LEU B 113 -26.24 4.25 16.50
C LEU B 113 -26.16 2.77 16.85
N GLU B 114 -25.66 2.45 18.04
CA GLU B 114 -25.49 1.06 18.44
C GLU B 114 -26.84 0.38 18.46
N LYS B 115 -27.87 1.15 18.79
CA LYS B 115 -29.24 0.64 18.77
C LYS B 115 -29.66 0.30 17.36
N GLY B 116 -29.36 1.18 16.40
CA GLY B 116 -29.68 0.92 15.02
C GLY B 116 -28.93 -0.31 14.50
N ALA B 117 -27.66 -0.43 14.90
CA ALA B 117 -26.86 -1.58 14.51
C ALA B 117 -27.46 -2.87 15.05
N ARG B 118 -27.80 -2.86 16.35
CA ARG B 118 -28.33 -4.04 17.03
C ARG B 118 -29.61 -4.50 16.37
N ILE B 119 -30.43 -3.56 15.96
CA ILE B 119 -31.69 -3.88 15.29
C ILE B 119 -31.40 -4.48 13.92
N ALA B 120 -30.44 -3.91 13.19
CA ALA B 120 -30.08 -4.37 11.86
C ALA B 120 -29.41 -5.77 11.88
N GLU B 121 -28.62 -6.00 12.91
CA GLU B 121 -27.90 -7.25 13.08
C GLU B 121 -28.86 -8.39 13.36
N LYS B 122 -29.85 -8.10 14.22
CA LYS B 122 -30.89 -9.07 14.58
C LYS B 122 -31.83 -9.38 13.42
N LEU B 123 -32.01 -8.40 12.53
CA LEU B 123 -32.82 -8.62 11.35
C LEU B 123 -32.10 -9.60 10.43
N ALA B 124 -30.79 -9.39 10.26
CA ALA B 124 -29.97 -10.24 9.44
C ALA B 124 -29.94 -11.67 10.00
N GLN B 125 -29.76 -11.80 11.31
CA GLN B 125 -29.68 -13.10 11.97
C GLN B 125 -30.98 -13.84 11.80
N ALA B 126 -32.08 -13.12 11.92
CA ALA B 126 -33.39 -13.73 11.74
C ALA B 126 -33.51 -14.14 10.28
N LEU B 127 -33.05 -13.26 9.39
CA LEU B 127 -33.07 -13.55 7.97
C LEU B 127 -32.22 -14.78 7.58
N SER B 128 -31.13 -15.02 8.31
CA SER B 128 -30.18 -16.08 7.96
C SER B 128 -30.69 -17.48 8.32
N ASP B 129 -30.82 -17.80 9.62
CA ASP B 129 -31.02 -19.19 10.06
C ASP B 129 -32.41 -19.74 9.75
N GLY B 130 -33.44 -18.98 10.10
CA GLY B 130 -34.78 -19.51 10.09
C GLY B 130 -35.31 -19.65 8.67
N ALA B 131 -36.39 -20.39 8.50
CA ALA B 131 -37.04 -20.54 7.21
C ALA B 131 -37.77 -19.23 6.90
N SER B 132 -36.99 -18.15 6.79
CA SER B 132 -37.51 -16.82 6.50
C SER B 132 -38.09 -16.67 5.09
N GLY B 133 -37.62 -17.49 4.15
CA GLY B 133 -38.07 -17.41 2.77
C GLY B 133 -37.25 -16.41 1.97
N ALA B 134 -36.25 -15.84 2.63
CA ALA B 134 -35.42 -14.78 2.06
C ALA B 134 -34.48 -15.25 0.98
N SER B 135 -34.34 -14.45 -0.07
CA SER B 135 -33.41 -14.73 -1.17
C SER B 135 -31.98 -14.75 -0.68
N PRO B 136 -31.07 -15.40 -1.43
CA PRO B 136 -29.66 -15.32 -1.03
C PRO B 136 -29.16 -13.88 -1.09
N THR B 137 -29.61 -13.14 -2.09
CA THR B 137 -29.23 -11.75 -2.29
C THR B 137 -29.72 -10.89 -1.12
N ASP B 138 -30.94 -11.17 -0.67
CA ASP B 138 -31.56 -10.49 0.44
C ASP B 138 -30.82 -10.72 1.75
N ILE B 139 -30.36 -11.94 1.97
CA ILE B 139 -29.62 -12.28 3.17
C ILE B 139 -28.34 -11.49 3.22
N LEU B 140 -27.69 -11.34 2.06
CA LEU B 140 -26.47 -10.55 1.88
C LEU B 140 -26.67 -9.03 2.09
N ASP B 141 -27.73 -8.52 1.48
CA ASP B 141 -28.09 -7.10 1.58
C ASP B 141 -28.32 -6.72 3.03
N ALA B 142 -29.08 -7.54 3.75
CA ALA B 142 -29.28 -7.32 5.17
C ALA B 142 -27.95 -7.31 5.94
N ARG B 143 -27.07 -8.26 5.65
CA ARG B 143 -25.81 -8.29 6.39
C ARG B 143 -24.93 -7.08 6.12
N ALA B 144 -24.90 -6.65 4.87
CA ALA B 144 -24.17 -5.44 4.51
C ALA B 144 -24.76 -4.26 5.26
N TYR B 145 -26.08 -4.14 5.22
CA TYR B 145 -26.72 -3.03 5.90
C TYR B 145 -26.40 -3.02 7.39
N ALA B 146 -26.42 -4.19 8.01
CA ALA B 146 -26.11 -4.30 9.44
C ALA B 146 -24.66 -3.93 9.73
N ALA B 147 -23.77 -4.24 8.81
CA ALA B 147 -22.35 -3.92 8.94
C ALA B 147 -22.12 -2.44 8.74
N LEU B 148 -22.98 -1.83 7.91
CA LEU B 148 -22.91 -0.42 7.62
C LEU B 148 -23.26 0.39 8.84
N LEU B 149 -24.37 0.04 9.47
CA LEU B 149 -24.79 0.75 10.66
C LEU B 149 -23.76 0.50 11.74
N ARG B 150 -23.22 -0.73 11.80
CA ARG B 150 -22.23 -0.99 12.84
C ARG B 150 -20.96 -0.19 12.62
N GLY B 151 -20.55 -0.03 11.38
CA GLY B 151 -19.36 0.75 11.10
C GLY B 151 -19.61 2.18 11.57
N ALA B 152 -20.81 2.66 11.26
CA ALA B 152 -21.17 4.01 11.58
C ALA B 152 -21.06 4.23 13.09
N ALA B 153 -21.53 3.25 13.87
CA ALA B 153 -21.46 3.37 15.32
C ALA B 153 -20.00 3.43 15.84
N LEU B 154 -19.18 2.50 15.36
CA LEU B 154 -17.79 2.41 15.81
C LEU B 154 -16.98 3.61 15.33
N PHE B 155 -17.34 4.14 14.16
CA PHE B 155 -16.70 5.32 13.61
C PHE B 155 -16.98 6.53 14.53
N GLU B 156 -18.23 6.64 14.96
CA GLU B 156 -18.61 7.72 15.82
C GLU B 156 -17.95 7.56 17.19
N LYS B 157 -17.79 6.31 17.59
CA LYS B 157 -17.15 5.98 18.85
C LYS B 157 -15.64 6.15 18.77
N GLN B 158 -15.13 6.39 17.56
CA GLN B 158 -13.69 6.54 17.30
C GLN B 158 -12.87 5.27 17.54
N ASN B 159 -13.52 4.12 17.40
CA ASN B 159 -12.82 2.85 17.44
C ASN B 159 -12.52 2.46 16.00
N TRP B 160 -11.49 3.06 15.44
CA TRP B 160 -11.22 2.97 14.02
C TRP B 160 -11.04 1.55 13.53
N GLY B 161 -10.28 0.76 14.26
CA GLY B 161 -10.01 -0.61 13.86
C GLY B 161 -11.27 -1.44 13.79
N ALA B 162 -12.04 -1.42 14.87
CA ALA B 162 -13.25 -2.20 14.93
C ALA B 162 -14.17 -1.72 13.83
N CYS B 163 -14.16 -0.41 13.60
CA CYS B 163 -15.05 0.18 12.61
C CYS B 163 -14.69 -0.34 11.23
N LEU B 164 -13.41 -0.52 10.97
CA LEU B 164 -12.91 -0.99 9.69
C LEU B 164 -13.29 -2.44 9.34
N LYS B 165 -13.35 -3.32 10.33
CA LYS B 165 -13.77 -4.68 10.06
C LYS B 165 -15.15 -4.62 9.46
N SER B 166 -16.01 -3.87 10.10
CA SER B 166 -17.41 -3.79 9.67
C SER B 166 -17.55 -3.18 8.28
N TYR B 167 -16.85 -2.08 8.04
CA TYR B 167 -16.93 -1.44 6.76
C TYR B 167 -16.35 -2.35 5.67
N ALA B 168 -15.38 -3.20 6.04
CA ALA B 168 -14.82 -4.13 5.08
C ALA B 168 -15.87 -5.13 4.59
N ILE B 169 -16.62 -5.69 5.53
CA ILE B 169 -17.66 -6.64 5.21
C ILE B 169 -18.65 -6.01 4.26
N CYS B 170 -19.19 -4.85 4.60
CA CYS B 170 -20.23 -4.29 3.73
C CYS B 170 -19.65 -3.77 2.41
N ARG B 171 -18.43 -3.29 2.41
CA ARG B 171 -17.84 -2.87 1.14
C ARG B 171 -17.71 -4.03 0.16
N ILE B 172 -17.26 -5.17 0.66
CA ILE B 172 -17.11 -6.36 -0.16
C ILE B 172 -18.47 -6.80 -0.69
N ILE B 173 -19.44 -6.89 0.20
CA ILE B 173 -20.76 -7.32 -0.19
C ILE B 173 -21.42 -6.33 -1.15
N TYR B 174 -21.36 -5.04 -0.83
CA TYR B 174 -22.01 -4.04 -1.67
C TYR B 174 -21.40 -3.93 -3.05
N THR B 175 -20.10 -4.06 -3.16
CA THR B 175 -19.52 -4.01 -4.49
C THR B 175 -20.03 -5.16 -5.39
N ALA B 176 -20.34 -6.32 -4.81
CA ALA B 176 -20.92 -7.43 -5.57
C ALA B 176 -22.35 -7.08 -6.05
N LEU B 177 -23.13 -6.46 -5.17
CA LEU B 177 -24.50 -6.04 -5.46
C LEU B 177 -24.61 -4.91 -6.50
N ALA B 178 -23.57 -4.10 -6.61
CA ALA B 178 -23.53 -3.00 -7.58
C ALA B 178 -23.45 -3.46 -9.05
N THR B 179 -22.49 -4.34 -9.33
CA THR B 179 -22.25 -4.77 -10.71
C THR B 179 -23.46 -5.49 -11.31
N SER B 180 -24.23 -6.19 -10.48
CA SER B 180 -25.46 -6.81 -10.95
C SER B 180 -26.52 -5.77 -11.33
N ASP B 184 -26.29 1.17 -9.64
CA ASP B 184 -26.24 2.62 -9.78
C ASP B 184 -26.52 3.33 -8.45
N ILE B 185 -27.01 2.60 -7.45
CA ILE B 185 -27.22 3.18 -6.14
C ILE B 185 -26.27 2.55 -5.14
N PHE B 186 -25.91 1.28 -5.37
CA PHE B 186 -24.94 0.64 -4.52
C PHE B 186 -23.62 1.36 -4.81
N LYS B 187 -23.42 1.73 -6.08
CA LYS B 187 -22.22 2.43 -6.47
C LYS B 187 -22.14 3.80 -5.80
N GLU B 188 -23.28 4.46 -5.67
CA GLU B 188 -23.29 5.75 -4.99
C GLU B 188 -23.01 5.54 -3.51
N LEU B 189 -23.59 4.49 -2.93
CA LEU B 189 -23.44 4.22 -1.51
C LEU B 189 -22.00 3.94 -1.14
N LEU B 190 -21.32 3.18 -2.01
CA LEU B 190 -19.91 2.87 -1.89
C LEU B 190 -19.05 4.09 -2.04
N SER B 191 -19.41 4.89 -3.05
CA SER B 191 -18.67 6.08 -3.44
C SER B 191 -18.77 7.23 -2.43
N ASP B 192 -19.97 7.47 -1.94
CA ASP B 192 -20.24 8.68 -1.17
C ASP B 192 -20.19 8.49 0.34
N THR B 193 -20.30 7.27 0.82
CA THR B 193 -20.36 7.00 2.25
C THR B 193 -19.29 6.03 2.71
N ILE B 194 -19.24 4.86 2.07
CA ILE B 194 -18.36 3.79 2.53
C ILE B 194 -16.89 4.02 2.26
N ASP B 195 -16.52 4.33 1.02
CA ASP B 195 -15.11 4.61 0.72
C ASP B 195 -14.54 5.79 1.48
N PRO B 196 -15.20 6.97 1.46
CA PRO B 196 -14.56 8.06 2.19
C PRO B 196 -14.43 7.74 3.69
N SER B 197 -15.38 7.00 4.27
CA SER B 197 -15.33 6.64 5.69
C SER B 197 -14.21 5.68 6.04
N ARG B 199 -11.36 5.47 4.32
CA ARG B 199 -10.09 6.16 4.16
C ARG B 199 -9.76 6.92 5.43
N PHE B 200 -10.76 7.55 6.02
CA PHE B 200 -10.56 8.31 7.25
C PHE B 200 -10.19 7.38 8.40
N ALA B 201 -10.98 6.34 8.60
CA ALA B 201 -10.73 5.42 9.70
C ALA B 201 -9.35 4.79 9.56
N ALA B 202 -8.93 4.53 8.33
CA ALA B 202 -7.64 3.94 8.11
C ALA B 202 -6.51 4.95 8.38
N TYR B 203 -6.72 6.19 7.98
CA TYR B 203 -5.78 7.24 8.32
C TYR B 203 -5.61 7.33 9.83
N GLN B 204 -6.74 7.38 10.54
CA GLN B 204 -6.72 7.49 11.98
C GLN B 204 -6.10 6.28 12.63
N ALA B 205 -6.36 5.10 12.04
CA ALA B 205 -5.86 3.85 12.59
C ALA B 205 -4.41 3.59 12.21
N LYS B 206 -3.85 4.45 11.36
CA LYS B 206 -2.52 4.23 10.82
C LYS B 206 -2.40 2.86 10.14
N ILE B 207 -3.36 2.59 9.28
CA ILE B 207 -3.38 1.41 8.43
C ILE B 207 -3.31 1.88 6.99
N PRO B 208 -2.31 1.40 6.24
CA PRO B 208 -1.33 0.37 6.61
C PRO B 208 -0.26 0.89 7.52
N ARG B 209 0.31 0.03 8.38
CA ARG B 209 1.35 0.42 9.33
C ARG B 209 2.53 0.94 8.55
N THR B 210 2.85 0.23 7.48
CA THR B 210 3.95 0.58 6.62
C THR B 210 3.52 1.63 5.63
N LEU B 211 4.18 2.79 5.64
CA LEU B 211 3.84 3.83 4.69
C LEU B 211 4.13 3.38 3.26
N PRO B 212 3.14 3.53 2.37
CA PRO B 212 3.17 3.16 0.94
C PRO B 212 4.02 4.08 0.07
N ILE B 213 5.30 4.22 0.38
CA ILE B 213 6.15 5.26 -0.21
C ILE B 213 6.30 5.18 -1.75
N ALA B 214 6.34 3.97 -2.31
CA ALA B 214 6.48 3.80 -3.76
C ALA B 214 5.19 4.13 -4.52
N THR B 215 4.07 3.77 -3.92
CA THR B 215 2.76 4.16 -4.45
C THR B 215 2.63 5.69 -4.44
N ILE B 216 3.05 6.29 -3.33
CA ILE B 216 2.99 7.74 -3.17
C ILE B 216 3.93 8.40 -4.15
N ALA B 217 5.18 7.91 -4.17
CA ALA B 217 6.20 8.46 -5.06
C ALA B 217 5.73 8.43 -6.51
N HIS B 218 5.19 7.31 -6.97
CA HIS B 218 4.74 7.28 -8.34
C HIS B 218 3.57 8.22 -8.64
N ARG B 219 2.58 8.21 -7.75
CA ARG B 219 1.36 8.97 -7.96
C ARG B 219 1.56 10.50 -7.82
N ALA B 220 2.41 10.89 -6.88
CA ALA B 220 2.71 12.31 -6.70
C ALA B 220 3.27 12.92 -7.99
N PHE B 221 4.18 12.25 -8.67
CA PHE B 221 4.73 12.83 -9.89
C PHE B 221 3.81 12.73 -11.10
N GLU B 222 2.93 11.73 -11.11
CA GLU B 222 2.02 11.55 -12.24
C GLU B 222 0.96 12.65 -12.25
N GLN B 223 0.45 12.98 -11.07
CA GLN B 223 -0.59 13.99 -10.90
C GLN B 223 -0.17 15.42 -11.28
N SER B 224 1.08 15.79 -11.01
CA SER B 224 1.57 17.12 -11.37
C SER B 224 2.29 17.12 -12.72
N HIS C 6 35.16 4.30 1.69
CA HIS C 6 35.17 3.47 0.48
C HIS C 6 33.73 3.13 0.10
N HIS C 7 33.50 2.87 -1.19
CA HIS C 7 32.17 2.54 -1.68
C HIS C 7 32.11 1.19 -2.41
N HIS C 8 31.00 0.47 -2.24
CA HIS C 8 30.76 -0.76 -2.99
C HIS C 8 30.46 -0.54 -4.46
N ASP C 9 29.91 0.61 -4.82
CA ASP C 9 29.66 0.94 -6.22
C ASP C 9 28.89 -0.18 -6.94
N ILE C 10 27.72 -0.51 -6.42
CA ILE C 10 26.90 -1.62 -6.92
C ILE C 10 26.42 -1.44 -8.36
N THR C 11 25.74 -0.33 -8.60
CA THR C 11 25.20 -0.11 -9.93
C THR C 11 26.32 0.16 -10.95
N LYS C 12 27.42 0.79 -10.52
CA LYS C 12 28.55 1.07 -11.43
C LYS C 12 29.06 -0.24 -11.95
N PHE C 13 29.22 -1.17 -11.02
CA PHE C 13 29.72 -2.47 -11.32
C PHE C 13 28.80 -3.18 -12.29
N VAL C 14 27.51 -3.12 -11.99
CA VAL C 14 26.52 -3.79 -12.82
C VAL C 14 26.52 -3.13 -14.21
N VAL C 15 26.41 -1.82 -14.26
CA VAL C 15 26.40 -1.12 -15.52
C VAL C 15 27.68 -1.43 -16.32
N THR C 16 28.81 -1.48 -15.62
CA THR C 16 30.09 -1.77 -16.25
C THR C 16 30.14 -3.18 -16.83
N SER C 17 29.74 -4.17 -16.04
CA SER C 17 29.77 -5.55 -16.46
C SER C 17 28.93 -5.78 -17.70
N ARG C 18 27.80 -5.10 -17.75
CA ARG C 18 26.89 -5.25 -18.85
C ARG C 18 27.44 -4.67 -20.14
N GLU C 19 28.10 -3.51 -20.05
CA GLU C 19 28.64 -2.84 -21.23
C GLU C 19 29.69 -3.72 -21.87
N LYS C 20 30.57 -4.22 -21.01
CA LYS C 20 31.69 -5.02 -21.43
C LYS C 20 31.19 -6.32 -22.02
N ALA C 21 30.28 -7.00 -21.33
CA ALA C 21 29.87 -8.33 -21.77
C ALA C 21 29.01 -8.34 -23.05
N LEU C 22 28.29 -7.24 -23.30
CA LEU C 22 27.43 -7.14 -24.48
C LEU C 22 28.15 -6.47 -25.65
N LEU C 23 29.41 -6.12 -25.44
CA LEU C 23 30.11 -5.41 -26.49
C LEU C 23 30.34 -6.37 -27.67
N TYR C 24 30.92 -7.54 -27.41
CA TYR C 24 31.11 -8.53 -28.48
C TYR C 24 30.34 -9.83 -28.20
N GLY C 25 29.46 -9.82 -27.21
CA GLY C 25 28.74 -11.03 -26.83
C GLY C 25 27.27 -10.70 -26.61
N ASP C 26 26.56 -11.56 -25.88
CA ASP C 26 25.16 -11.31 -25.60
C ASP C 26 24.82 -11.73 -24.17
N TYR C 27 23.53 -11.73 -23.85
CA TYR C 27 23.05 -12.08 -22.52
C TYR C 27 23.40 -13.49 -22.09
N ALA C 28 23.47 -14.39 -23.06
CA ALA C 28 23.83 -15.78 -22.82
C ALA C 28 25.32 -15.93 -22.49
N THR C 29 26.15 -15.18 -23.21
CA THR C 29 27.59 -15.16 -22.95
C THR C 29 27.84 -14.52 -21.60
N TYR C 30 27.08 -13.47 -21.31
CA TYR C 30 27.19 -12.75 -20.06
C TYR C 30 26.89 -13.71 -18.92
N ARG C 31 25.80 -14.46 -19.06
CA ARG C 31 25.40 -15.43 -18.05
C ARG C 31 26.47 -16.46 -17.76
N THR C 32 27.10 -16.96 -18.82
CA THR C 32 28.17 -17.94 -18.63
C THR C 32 29.37 -17.32 -17.90
N GLN C 33 29.81 -16.16 -18.38
CA GLN C 33 30.92 -15.44 -17.78
C GLN C 33 30.68 -15.23 -16.29
N LEU C 34 29.44 -14.86 -15.96
CA LEU C 34 29.03 -14.65 -14.57
C LEU C 34 29.17 -15.93 -13.75
N SER C 35 28.79 -17.09 -14.30
CA SER C 35 28.99 -18.35 -13.59
C SER C 35 30.47 -18.65 -13.35
N GLY C 36 31.32 -18.23 -14.27
CA GLY C 36 32.75 -18.40 -14.08
C GLY C 36 33.23 -17.53 -12.94
N LYS C 37 32.82 -16.27 -12.97
CA LYS C 37 33.24 -15.33 -11.93
C LYS C 37 32.63 -15.74 -10.61
N LEU C 38 31.41 -16.25 -10.66
CA LEU C 38 30.71 -16.68 -9.46
C LEU C 38 31.44 -17.85 -8.81
N LEU C 39 32.01 -18.73 -9.63
CA LEU C 39 32.68 -19.88 -9.08
C LEU C 39 33.92 -19.45 -8.31
N ASN C 40 34.71 -18.58 -8.92
CA ASN C 40 35.90 -18.06 -8.27
C ASN C 40 35.56 -17.38 -6.95
N CYS C 41 34.41 -16.72 -6.92
CA CYS C 41 33.98 -15.98 -5.75
C CYS C 41 33.74 -16.91 -4.57
N ARG C 42 33.11 -18.05 -4.82
CA ARG C 42 32.80 -19.01 -3.76
C ARG C 42 34.09 -19.54 -3.14
N LYS C 43 35.10 -19.74 -3.98
CA LYS C 43 36.38 -20.25 -3.52
C LYS C 43 37.03 -19.28 -2.54
N LYS C 44 36.99 -17.99 -2.86
CA LYS C 44 37.56 -16.97 -1.98
C LYS C 44 36.86 -16.95 -0.62
N LEU C 45 35.57 -17.27 -0.63
CA LEU C 45 34.77 -17.24 0.60
C LEU C 45 34.84 -18.62 1.27
N ASN C 46 35.67 -19.48 0.71
CA ASN C 46 35.87 -20.84 1.22
C ASN C 46 34.64 -21.74 1.24
N ILE C 47 33.52 -21.25 0.70
CA ILE C 47 32.33 -22.07 0.56
C ILE C 47 32.07 -22.44 -0.90
N ILE C 61 22.91 -13.93 3.40
CA ILE C 61 23.91 -12.92 3.74
C ILE C 61 23.49 -12.12 4.97
N THR C 62 24.47 -11.79 5.82
CA THR C 62 24.22 -11.05 7.05
C THR C 62 25.09 -9.78 7.07
N PRO C 63 24.64 -8.73 7.79
CA PRO C 63 25.42 -7.49 7.83
C PRO C 63 26.83 -7.72 8.36
N GLU C 64 27.00 -8.64 9.30
CA GLU C 64 28.31 -8.92 9.90
C GLU C 64 29.25 -9.60 8.91
N GLN C 65 28.69 -10.39 8.00
CA GLN C 65 29.49 -11.04 6.95
C GLN C 65 30.04 -10.01 5.97
N ILE C 66 29.22 -9.01 5.68
CA ILE C 66 29.56 -7.90 4.79
C ILE C 66 30.64 -7.03 5.39
N ALA C 67 30.58 -6.83 6.69
CA ALA C 67 31.62 -6.10 7.39
C ALA C 67 32.95 -6.87 7.30
N GLU C 68 32.89 -8.19 7.44
CA GLU C 68 34.09 -9.03 7.40
C GLU C 68 34.76 -9.05 6.03
N ASN C 69 33.98 -9.33 4.98
CA ASN C 69 34.54 -9.43 3.63
C ASN C 69 33.60 -8.85 2.58
N THR C 70 34.14 -7.97 1.74
CA THR C 70 33.38 -7.31 0.69
C THR C 70 32.94 -8.29 -0.40
N GLU C 71 33.61 -9.43 -0.47
CA GLU C 71 33.34 -10.43 -1.50
C GLU C 71 31.94 -11.04 -1.39
N TYR C 72 31.40 -11.09 -0.17
CA TYR C 72 30.05 -11.60 0.00
C TYR C 72 29.09 -10.74 -0.81
N VAL C 73 29.35 -9.43 -0.85
CA VAL C 73 28.55 -8.51 -1.63
C VAL C 73 28.70 -8.81 -3.11
N ARG C 74 29.92 -9.01 -3.56
CA ARG C 74 30.13 -9.30 -4.97
C ARG C 74 29.44 -10.61 -5.40
N LEU C 75 29.46 -11.58 -4.50
CA LEU C 75 28.82 -12.85 -4.73
C LEU C 75 27.37 -12.65 -5.03
N GLN C 76 26.75 -11.76 -4.24
CA GLN C 76 25.33 -11.52 -4.39
C GLN C 76 25.01 -10.77 -5.68
N LEU C 77 25.83 -9.80 -6.06
CA LEU C 77 25.60 -9.10 -7.31
C LEU C 77 25.70 -10.04 -8.53
N LEU C 78 26.74 -10.87 -8.56
CA LEU C 78 26.93 -11.77 -9.68
C LEU C 78 25.73 -12.68 -9.85
N THR C 79 25.19 -13.19 -8.74
CA THR C 79 24.03 -14.07 -8.77
C THR C 79 22.80 -13.37 -9.34
N ALA C 80 22.54 -12.15 -8.84
CA ALA C 80 21.38 -11.38 -9.30
C ALA C 80 21.54 -11.11 -10.78
N GLU C 81 22.71 -10.67 -11.19
CA GLU C 81 22.93 -10.39 -12.59
C GLU C 81 22.78 -11.66 -13.43
N ARG C 82 23.18 -12.81 -12.89
CA ARG C 82 23.06 -14.02 -13.66
C ARG C 82 21.59 -14.32 -13.88
N ALA C 83 20.77 -14.08 -12.87
CA ALA C 83 19.33 -14.31 -13.02
C ALA C 83 18.81 -13.38 -14.11
N TRP C 84 19.22 -12.12 -14.03
CA TRP C 84 18.84 -11.11 -15.01
C TRP C 84 19.37 -11.49 -16.40
N ALA C 85 20.60 -11.98 -16.45
CA ALA C 85 21.20 -12.30 -17.73
C ALA C 85 20.37 -13.38 -18.39
N HIS C 86 20.03 -14.38 -17.58
CA HIS C 86 19.29 -15.50 -18.11
C HIS C 86 17.95 -15.07 -18.68
N ALA C 87 17.22 -14.24 -17.95
CA ALA C 87 15.91 -13.81 -18.42
C ALA C 87 16.00 -13.01 -19.70
N ALA C 89 18.27 -13.31 -22.01
CA ALA C 89 18.64 -14.27 -23.03
C ALA C 89 17.43 -15.06 -23.59
N LYS C 91 14.44 -14.01 -23.32
CA LYS C 91 13.56 -12.99 -23.86
C LYS C 91 14.01 -12.67 -25.27
N ALA C 92 15.32 -12.60 -25.47
CA ALA C 92 15.86 -12.31 -26.78
C ALA C 92 15.61 -13.48 -27.73
N ALA C 93 15.80 -14.70 -27.23
CA ALA C 93 15.67 -15.90 -28.04
C ALA C 93 14.27 -16.07 -28.62
N HIS C 94 13.27 -15.70 -27.84
CA HIS C 94 11.87 -15.88 -28.22
C HIS C 94 11.20 -14.65 -28.81
N SER C 95 12.01 -13.71 -29.30
CA SER C 95 11.43 -12.55 -29.97
C SER C 95 10.83 -13.03 -31.29
N ALA C 96 9.51 -13.10 -31.34
CA ALA C 96 8.82 -13.53 -32.54
C ALA C 96 8.57 -12.34 -33.47
N THR C 102 5.59 -18.48 -25.90
CA THR C 102 4.67 -19.26 -25.08
C THR C 102 4.58 -18.69 -23.65
N GLY C 103 3.43 -18.86 -23.03
CA GLY C 103 3.21 -18.47 -21.65
C GLY C 103 4.09 -19.16 -20.63
N ARG C 104 4.49 -20.40 -20.92
CA ARG C 104 5.38 -21.11 -20.03
C ARG C 104 6.75 -20.47 -20.06
N THR C 105 7.16 -20.05 -21.26
CA THR C 105 8.43 -19.36 -21.47
C THR C 105 8.43 -17.97 -20.84
N ARG C 106 7.32 -17.23 -21.00
CA ARG C 106 7.18 -15.91 -20.38
C ARG C 106 7.25 -16.07 -18.89
N SER C 107 6.63 -17.14 -18.38
CA SER C 107 6.63 -17.37 -16.95
C SER C 107 8.05 -17.59 -16.47
N HIS C 108 8.84 -18.29 -17.28
CA HIS C 108 10.18 -18.63 -16.84
C HIS C 108 11.03 -17.35 -16.80
N ILE C 109 10.83 -16.48 -17.79
CA ILE C 109 11.55 -15.21 -17.85
C ILE C 109 11.26 -14.43 -16.58
N VAL C 110 9.98 -14.40 -16.21
CA VAL C 110 9.52 -13.68 -15.03
C VAL C 110 10.05 -14.28 -13.74
N SER C 111 10.08 -15.61 -13.63
CA SER C 111 10.60 -16.29 -12.44
C SER C 111 12.02 -15.87 -12.11
N ARG C 112 12.84 -15.77 -13.14
CA ARG C 112 14.24 -15.41 -12.97
C ARG C 112 14.52 -13.95 -12.65
N LEU C 113 13.79 -13.04 -13.27
CA LEU C 113 13.89 -11.65 -12.91
C LEU C 113 13.49 -11.51 -11.43
N GLU C 114 12.46 -12.24 -11.02
CA GLU C 114 12.00 -12.19 -9.63
C GLU C 114 13.07 -12.75 -8.70
N LYS C 115 13.80 -13.74 -9.20
CA LYS C 115 14.87 -14.31 -8.40
C LYS C 115 15.93 -13.25 -8.16
N GLY C 116 16.27 -12.52 -9.22
CA GLY C 116 17.28 -11.49 -9.11
C GLY C 116 16.87 -10.39 -8.15
N ALA C 117 15.60 -10.00 -8.21
CA ALA C 117 15.08 -8.96 -7.35
C ALA C 117 15.19 -9.41 -5.90
N ARG C 118 14.75 -10.64 -5.63
CA ARG C 118 14.81 -11.19 -4.28
C ARG C 118 16.24 -11.19 -3.70
N ILE C 119 17.21 -11.53 -4.53
CA ILE C 119 18.60 -11.55 -4.10
C ILE C 119 19.12 -10.13 -3.86
N ALA C 120 18.82 -9.23 -4.79
CA ALA C 120 19.26 -7.85 -4.69
C ALA C 120 18.56 -7.13 -3.53
N GLU C 121 17.30 -7.48 -3.30
CA GLU C 121 16.53 -6.89 -2.20
C GLU C 121 17.12 -7.32 -0.85
N LYS C 122 17.57 -8.57 -0.76
CA LYS C 122 18.19 -9.04 0.47
C LYS C 122 19.53 -8.33 0.72
N LEU C 123 20.25 -8.03 -0.35
CA LEU C 123 21.52 -7.33 -0.24
C LEU C 123 21.25 -5.91 0.23
N ALA C 124 20.22 -5.29 -0.32
CA ALA C 124 19.86 -3.94 0.08
C ALA C 124 19.53 -3.93 1.57
N GLN C 125 18.74 -4.91 2.02
CA GLN C 125 18.44 -5.00 3.44
C GLN C 125 19.66 -5.27 4.30
N ALA C 126 20.55 -6.15 3.89
CA ALA C 126 21.73 -6.43 4.70
C ALA C 126 22.68 -5.20 4.72
N LEU C 127 22.86 -4.57 3.57
CA LEU C 127 23.69 -3.37 3.51
C LEU C 127 23.07 -2.27 4.37
N SER C 128 21.75 -2.25 4.46
CA SER C 128 21.14 -1.13 5.14
C SER C 128 21.23 -1.31 6.65
N ASP C 129 20.46 -2.26 7.18
CA ASP C 129 20.11 -2.20 8.59
C ASP C 129 21.31 -2.38 9.51
N GLY C 130 22.10 -3.41 9.26
CA GLY C 130 23.08 -3.80 10.25
C GLY C 130 24.26 -2.85 10.30
N ALA C 131 25.25 -3.23 11.09
CA ALA C 131 26.48 -2.49 11.16
C ALA C 131 27.35 -3.16 10.10
N SER C 132 26.87 -3.12 8.86
CA SER C 132 27.61 -3.63 7.72
C SER C 132 28.79 -2.72 7.45
N GLY C 133 28.67 -1.47 7.88
CA GLY C 133 29.69 -0.50 7.59
C GLY C 133 29.34 0.19 6.32
N ALA C 134 28.18 -0.12 5.76
CA ALA C 134 27.81 0.44 4.48
C ALA C 134 27.46 1.91 4.61
N SER C 135 28.03 2.71 3.73
CA SER C 135 27.73 4.13 3.69
C SER C 135 26.32 4.32 3.22
N PRO C 136 25.75 5.49 3.48
CA PRO C 136 24.41 5.82 2.96
C PRO C 136 24.31 5.79 1.43
N THR C 137 25.39 6.12 0.71
CA THR C 137 25.35 6.06 -0.75
C THR C 137 25.19 4.63 -1.24
N ASP C 138 25.93 3.73 -0.62
CA ASP C 138 25.85 2.31 -0.93
C ASP C 138 24.49 1.74 -0.56
N ILE C 139 23.94 2.23 0.55
CA ILE C 139 22.60 1.83 0.98
C ILE C 139 21.55 2.27 -0.04
N LEU C 140 21.67 3.51 -0.52
CA LEU C 140 20.77 3.99 -1.57
C LEU C 140 20.96 3.21 -2.85
N ASP C 141 22.22 3.01 -3.25
CA ASP C 141 22.59 2.32 -4.49
C ASP C 141 22.01 0.92 -4.55
N ALA C 142 22.25 0.14 -3.50
CA ALA C 142 21.69 -1.20 -3.36
C ALA C 142 20.16 -1.16 -3.49
N ARG C 143 19.54 -0.18 -2.85
CA ARG C 143 18.11 -0.05 -2.91
C ARG C 143 17.60 0.27 -4.31
N ALA C 144 18.27 1.17 -5.01
CA ALA C 144 17.88 1.47 -6.37
C ALA C 144 18.02 0.22 -7.26
N TYR C 145 19.15 -0.47 -7.16
CA TYR C 145 19.40 -1.65 -7.96
C TYR C 145 18.34 -2.71 -7.77
N ALA C 146 17.95 -2.92 -6.53
CA ALA C 146 16.90 -3.89 -6.23
C ALA C 146 15.58 -3.45 -6.85
N ALA C 147 15.30 -2.16 -6.83
CA ALA C 147 14.04 -1.69 -7.38
C ALA C 147 14.05 -1.82 -8.88
N LEU C 148 15.25 -1.75 -9.44
CA LEU C 148 15.48 -1.83 -10.87
C LEU C 148 15.14 -3.25 -11.37
N LEU C 149 15.65 -4.24 -10.68
CA LEU C 149 15.39 -5.62 -11.03
C LEU C 149 13.89 -5.91 -10.82
N ARG C 150 13.34 -5.42 -9.71
CA ARG C 150 11.95 -5.69 -9.39
C ARG C 150 11.01 -5.05 -10.43
N GLY C 151 11.34 -3.85 -10.87
CA GLY C 151 10.54 -3.20 -11.89
C GLY C 151 10.57 -4.00 -13.19
N ALA C 152 11.77 -4.49 -13.52
CA ALA C 152 11.98 -5.29 -14.69
C ALA C 152 11.12 -6.54 -14.62
N ALA C 153 11.06 -7.19 -13.46
CA ALA C 153 10.23 -8.38 -13.31
C ALA C 153 8.74 -8.02 -13.50
N LEU C 154 8.28 -6.96 -12.87
CA LEU C 154 6.87 -6.63 -12.98
C LEU C 154 6.49 -6.19 -14.38
N PHE C 155 7.42 -5.54 -15.08
CA PHE C 155 7.17 -5.11 -16.43
C PHE C 155 7.01 -6.33 -17.36
N GLU C 156 7.84 -7.36 -17.16
CA GLU C 156 7.72 -8.56 -17.96
C GLU C 156 6.43 -9.31 -17.61
N LYS C 157 6.01 -9.17 -16.36
CA LYS C 157 4.80 -9.80 -15.86
C LYS C 157 3.56 -9.03 -16.32
N GLN C 158 3.79 -7.87 -16.92
CA GLN C 158 2.72 -7.00 -17.44
C GLN C 158 1.85 -6.42 -16.33
N ASN C 159 2.41 -6.31 -15.14
CA ASN C 159 1.74 -5.69 -14.02
C ASN C 159 2.16 -4.23 -13.97
N TRP C 160 1.60 -3.42 -14.86
CA TRP C 160 2.11 -2.07 -15.12
C TRP C 160 2.11 -1.16 -13.90
N GLY C 161 1.01 -1.14 -13.17
CA GLY C 161 0.84 -0.31 -11.99
C GLY C 161 1.89 -0.65 -10.94
N ALA C 162 2.05 -1.93 -10.65
CA ALA C 162 3.05 -2.32 -9.68
C ALA C 162 4.47 -1.93 -10.19
N CYS C 163 4.71 -2.14 -11.47
CA CYS C 163 6.03 -1.86 -12.01
C CYS C 163 6.33 -0.34 -11.94
N LEU C 164 5.32 0.50 -12.15
CA LEU C 164 5.54 1.94 -12.09
C LEU C 164 6.01 2.37 -10.69
N LYS C 165 5.51 1.72 -9.66
CA LYS C 165 5.98 2.00 -8.32
C LYS C 165 7.48 1.74 -8.12
N SER C 166 7.99 0.59 -8.57
CA SER C 166 9.43 0.27 -8.43
C SER C 166 10.33 1.21 -9.23
N TYR C 167 9.97 1.45 -10.48
CA TYR C 167 10.78 2.32 -11.33
C TYR C 167 10.75 3.76 -10.80
N ALA C 168 9.65 4.14 -10.15
CA ALA C 168 9.58 5.48 -9.55
C ALA C 168 10.64 5.63 -8.44
N ILE C 169 10.72 4.60 -7.59
CA ILE C 169 11.68 4.61 -6.51
C ILE C 169 13.11 4.75 -7.02
N CYS C 170 13.52 3.84 -7.90
CA CYS C 170 14.91 3.89 -8.30
C CYS C 170 15.19 5.10 -9.17
N ARG C 171 14.22 5.53 -9.95
CA ARG C 171 14.44 6.74 -10.73
C ARG C 171 14.68 7.91 -9.78
N ILE C 172 13.98 7.96 -8.63
CA ILE C 172 14.27 9.01 -7.66
C ILE C 172 15.70 8.88 -7.12
N ILE C 173 16.04 7.67 -6.69
CA ILE C 173 17.36 7.44 -6.11
C ILE C 173 18.51 7.68 -7.07
N TYR C 174 18.41 7.15 -8.29
CA TYR C 174 19.49 7.28 -9.26
C TYR C 174 19.73 8.70 -9.66
N THR C 175 18.66 9.46 -9.82
CA THR C 175 18.80 10.86 -10.19
C THR C 175 19.42 11.64 -9.02
N ALA C 176 19.09 11.23 -7.79
CA ALA C 176 19.65 11.83 -6.60
C ALA C 176 21.11 11.50 -6.50
N LEU C 177 21.45 10.24 -6.75
CA LEU C 177 22.84 9.81 -6.68
C LEU C 177 23.69 10.41 -7.76
N ALA C 178 23.09 10.73 -8.90
CA ALA C 178 23.86 11.32 -10.00
C ALA C 178 24.36 12.67 -9.56
N THR C 179 23.47 13.49 -9.03
CA THR C 179 23.83 14.83 -8.62
C THR C 179 24.85 14.87 -7.49
N SER C 180 24.67 13.99 -6.51
CA SER C 180 25.60 13.92 -5.39
C SER C 180 27.00 13.33 -5.65
N SER C 181 27.07 12.27 -6.45
CA SER C 181 28.31 11.51 -6.58
C SER C 181 29.05 11.59 -7.91
N LYS C 182 28.62 12.50 -8.79
CA LYS C 182 29.21 12.64 -10.12
C LYS C 182 28.89 11.35 -10.88
N GLY C 183 27.62 11.24 -11.24
CA GLY C 183 27.06 10.08 -11.90
C GLY C 183 26.52 10.19 -13.31
N ASP C 184 27.44 10.34 -14.27
CA ASP C 184 27.18 10.24 -15.70
C ASP C 184 27.03 8.79 -16.14
N ILE C 185 26.88 7.90 -15.17
CA ILE C 185 26.86 6.46 -15.38
C ILE C 185 25.45 5.90 -15.31
N PHE C 186 24.61 6.53 -14.49
CA PHE C 186 23.21 6.18 -14.38
C PHE C 186 22.44 6.58 -15.64
N LYS C 187 22.89 7.65 -16.30
CA LYS C 187 22.16 8.26 -17.42
C LYS C 187 21.83 7.34 -18.58
N GLU C 188 22.69 6.39 -18.87
CA GLU C 188 22.42 5.41 -19.93
C GLU C 188 21.26 4.51 -19.49
N LEU C 189 21.31 4.11 -18.22
CA LEU C 189 20.34 3.21 -17.60
C LEU C 189 18.93 3.84 -17.57
N LEU C 190 18.90 5.15 -17.39
CA LEU C 190 17.67 5.92 -17.46
C LEU C 190 17.16 5.98 -18.88
N SER C 191 18.07 6.30 -19.79
CA SER C 191 17.69 6.53 -21.17
C SER C 191 17.14 5.28 -21.81
N ASP C 192 17.82 4.16 -21.59
CA ASP C 192 17.52 2.95 -22.37
C ASP C 192 16.62 1.94 -21.68
N THR C 193 16.46 2.06 -20.37
CA THR C 193 15.69 1.09 -19.60
C THR C 193 14.56 1.69 -18.76
N ILE C 194 14.89 2.66 -17.92
CA ILE C 194 13.90 3.18 -16.99
C ILE C 194 12.80 4.03 -17.63
N ASP C 195 13.20 5.05 -18.36
CA ASP C 195 12.24 5.95 -18.98
C ASP C 195 11.30 5.27 -19.98
N PRO C 196 11.83 4.49 -20.94
CA PRO C 196 10.90 3.88 -21.87
C PRO C 196 9.94 2.90 -21.19
N SER C 197 10.40 2.21 -20.15
CA SER C 197 9.53 1.27 -19.48
C SER C 197 8.41 2.01 -18.77
N ARG C 199 7.16 4.98 -19.42
CA ARG C 199 6.25 5.61 -20.32
C ARG C 199 5.37 4.55 -20.93
N PHE C 200 5.97 3.40 -21.25
CA PHE C 200 5.20 2.32 -21.84
C PHE C 200 4.21 1.77 -20.80
N ALA C 201 4.69 1.42 -19.62
CA ALA C 201 3.83 0.85 -18.60
C ALA C 201 2.70 1.80 -18.20
N ALA C 202 3.00 3.10 -18.14
CA ALA C 202 2.00 4.10 -17.78
C ALA C 202 0.94 4.25 -18.87
N TYR C 203 1.39 4.18 -20.11
CA TYR C 203 0.52 4.23 -21.29
C TYR C 203 -0.47 3.06 -21.26
N GLN C 204 0.05 1.85 -21.01
CA GLN C 204 -0.76 0.63 -20.98
C GLN C 204 -1.82 0.70 -19.88
N ALA C 205 -1.49 1.36 -18.78
CA ALA C 205 -2.45 1.53 -17.69
C ALA C 205 -3.41 2.68 -17.97
N LYS C 206 -3.44 3.15 -19.22
CA LYS C 206 -4.25 4.31 -19.67
C LYS C 206 -3.86 5.65 -19.01
N HIS D 7 -27.07 -20.50 -11.41
CA HIS D 7 -26.14 -20.66 -10.30
C HIS D 7 -24.91 -21.45 -10.73
N HIS D 8 -23.74 -20.85 -10.53
CA HIS D 8 -22.47 -21.44 -10.96
C HIS D 8 -21.78 -22.29 -9.89
N ASP D 9 -22.05 -22.00 -8.63
CA ASP D 9 -21.58 -22.83 -7.51
C ASP D 9 -20.13 -23.17 -7.64
N ILE D 10 -19.30 -22.16 -7.82
CA ILE D 10 -17.88 -22.35 -8.13
C ILE D 10 -17.09 -23.04 -7.03
N THR D 11 -17.11 -22.49 -5.84
CA THR D 11 -16.31 -23.07 -4.77
C THR D 11 -16.83 -24.44 -4.42
N LYS D 12 -18.14 -24.59 -4.52
CA LYS D 12 -18.81 -25.85 -4.30
C LYS D 12 -18.33 -26.88 -5.32
N PHE D 13 -18.32 -26.47 -6.58
CA PHE D 13 -17.90 -27.34 -7.66
C PHE D 13 -16.46 -27.77 -7.46
N VAL D 14 -15.61 -26.79 -7.15
CA VAL D 14 -14.21 -27.05 -6.94
C VAL D 14 -13.98 -27.95 -5.72
N VAL D 15 -14.51 -27.55 -4.57
CA VAL D 15 -14.35 -28.31 -3.34
C VAL D 15 -14.90 -29.72 -3.51
N THR D 16 -16.01 -29.87 -4.25
CA THR D 16 -16.53 -31.20 -4.53
C THR D 16 -15.54 -32.04 -5.36
N SER D 17 -15.02 -31.46 -6.44
CA SER D 17 -14.15 -32.17 -7.36
C SER D 17 -12.88 -32.67 -6.67
N ARG D 18 -12.35 -31.85 -5.76
CA ARG D 18 -11.16 -32.17 -5.01
C ARG D 18 -11.37 -33.28 -3.99
N GLU D 19 -12.53 -33.30 -3.36
CA GLU D 19 -12.82 -34.34 -2.38
C GLU D 19 -12.78 -35.70 -3.08
N LYS D 20 -13.43 -35.72 -4.24
CA LYS D 20 -13.62 -36.93 -5.01
C LYS D 20 -12.34 -37.48 -5.61
N ALA D 21 -11.58 -36.63 -6.29
CA ALA D 21 -10.41 -37.12 -7.02
C ALA D 21 -9.31 -37.56 -6.06
N LEU D 22 -9.31 -36.93 -4.88
CA LEU D 22 -8.32 -37.16 -3.84
C LEU D 22 -8.77 -38.23 -2.84
N LEU D 23 -9.92 -38.84 -3.10
CA LEU D 23 -10.49 -39.78 -2.14
C LEU D 23 -9.59 -41.01 -2.03
N TYR D 24 -9.33 -41.66 -3.15
CA TYR D 24 -8.32 -42.73 -3.19
C TYR D 24 -7.29 -42.46 -4.28
N GLY D 25 -7.28 -41.23 -4.80
CA GLY D 25 -6.36 -40.87 -5.86
C GLY D 25 -5.43 -39.77 -5.37
N ASP D 26 -4.79 -39.07 -6.29
CA ASP D 26 -3.90 -37.98 -5.89
C ASP D 26 -3.97 -36.83 -6.89
N TYR D 27 -3.05 -35.89 -6.73
CA TYR D 27 -3.03 -34.73 -7.61
C TYR D 27 -2.73 -35.10 -9.04
N ALA D 28 -1.92 -36.14 -9.23
CA ALA D 28 -1.58 -36.60 -10.57
C ALA D 28 -2.78 -37.21 -11.30
N THR D 29 -3.58 -38.01 -10.59
CA THR D 29 -4.77 -38.61 -11.19
C THR D 29 -5.78 -37.50 -11.49
N TYR D 30 -5.86 -36.56 -10.57
CA TYR D 30 -6.77 -35.43 -10.71
C TYR D 30 -6.43 -34.66 -11.98
N ARG D 31 -5.14 -34.37 -12.12
CA ARG D 31 -4.68 -33.60 -13.27
C ARG D 31 -5.03 -34.29 -14.56
N THR D 32 -4.92 -35.62 -14.60
CA THR D 32 -5.31 -36.34 -15.80
C THR D 32 -6.80 -36.18 -16.02
N GLN D 33 -7.59 -36.50 -14.99
CA GLN D 33 -9.05 -36.46 -15.09
C GLN D 33 -9.53 -35.10 -15.59
N LEU D 34 -8.93 -34.02 -15.10
CA LEU D 34 -9.27 -32.67 -15.52
C LEU D 34 -9.04 -32.45 -17.01
N SER D 35 -7.93 -32.96 -17.52
CA SER D 35 -7.63 -32.92 -18.96
C SER D 35 -8.68 -33.70 -19.76
N GLY D 36 -9.23 -34.73 -19.12
CA GLY D 36 -10.30 -35.51 -19.72
C GLY D 36 -11.57 -34.68 -19.81
N LYS D 37 -11.88 -33.98 -18.72
CA LYS D 37 -13.07 -33.13 -18.66
C LYS D 37 -12.92 -31.95 -19.59
N LEU D 38 -11.68 -31.46 -19.66
CA LEU D 38 -11.36 -30.28 -20.44
C LEU D 38 -11.64 -30.56 -21.91
N LEU D 39 -11.44 -31.82 -22.29
CA LEU D 39 -11.67 -32.28 -23.65
C LEU D 39 -13.17 -32.24 -24.00
N ASN D 40 -13.99 -32.83 -23.13
CA ASN D 40 -15.43 -32.85 -23.32
C ASN D 40 -16.01 -31.45 -23.41
N CYS D 41 -15.45 -30.56 -22.60
CA CYS D 41 -15.90 -29.18 -22.56
C CYS D 41 -15.54 -28.43 -23.84
N ARG D 42 -14.31 -28.61 -24.31
CA ARG D 42 -13.86 -27.91 -25.50
C ARG D 42 -14.69 -28.32 -26.70
N LYS D 43 -15.07 -29.60 -26.75
CA LYS D 43 -15.87 -30.13 -27.85
C LYS D 43 -17.22 -29.43 -28.00
N LYS D 44 -17.91 -29.27 -26.87
CA LYS D 44 -19.22 -28.63 -26.85
C LYS D 44 -19.22 -27.18 -27.29
N LEU D 45 -18.18 -26.44 -26.93
CA LEU D 45 -18.15 -24.99 -27.19
C LEU D 45 -17.44 -24.55 -28.48
N ASN D 46 -16.97 -25.49 -29.29
CA ASN D 46 -16.21 -25.08 -30.48
C ASN D 46 -17.04 -24.35 -31.53
N ILE D 47 -18.12 -24.94 -31.99
CA ILE D 47 -19.04 -24.22 -32.87
C ILE D 47 -20.39 -23.98 -32.19
N ILE D 61 -11.79 -14.95 -21.54
CA ILE D 61 -13.23 -15.13 -21.31
C ILE D 61 -13.97 -13.79 -21.22
N THR D 62 -15.17 -13.75 -21.78
CA THR D 62 -15.97 -12.54 -21.83
C THR D 62 -17.33 -12.78 -21.17
N PRO D 63 -17.93 -11.72 -20.62
CA PRO D 63 -19.24 -11.81 -19.96
C PRO D 63 -20.35 -12.30 -20.90
N GLU D 64 -20.31 -11.89 -22.15
CA GLU D 64 -21.36 -12.26 -23.09
C GLU D 64 -21.30 -13.76 -23.37
N GLN D 65 -20.08 -14.30 -23.35
CA GLN D 65 -19.87 -15.73 -23.54
C GLN D 65 -20.46 -16.50 -22.37
N ILE D 66 -20.35 -15.91 -21.18
CA ILE D 66 -20.90 -16.50 -19.96
C ILE D 66 -22.44 -16.45 -19.96
N ALA D 67 -22.98 -15.35 -20.46
CA ALA D 67 -24.42 -15.21 -20.59
C ALA D 67 -24.97 -16.24 -21.58
N GLU D 68 -24.20 -16.47 -22.65
CA GLU D 68 -24.58 -17.41 -23.69
C GLU D 68 -24.61 -18.86 -23.19
N ASN D 69 -23.50 -19.28 -22.58
CA ASN D 69 -23.36 -20.66 -22.13
C ASN D 69 -22.56 -20.76 -20.83
N THR D 70 -23.10 -21.53 -19.89
CA THR D 70 -22.47 -21.74 -18.60
C THR D 70 -21.17 -22.54 -18.70
N GLU D 71 -20.99 -23.27 -19.79
CA GLU D 71 -19.80 -24.11 -19.98
C GLU D 71 -18.51 -23.30 -20.06
N TYR D 72 -18.60 -22.07 -20.55
CA TYR D 72 -17.43 -21.18 -20.60
C TYR D 72 -16.84 -21.03 -19.20
N VAL D 73 -17.72 -20.98 -18.21
CA VAL D 73 -17.28 -20.95 -16.82
C VAL D 73 -16.62 -22.28 -16.45
N ARG D 74 -17.21 -23.40 -16.85
CA ARG D 74 -16.64 -24.72 -16.56
C ARG D 74 -15.25 -24.85 -17.17
N LEU D 75 -15.09 -24.40 -18.42
CA LEU D 75 -13.81 -24.44 -19.12
C LEU D 75 -12.72 -23.73 -18.33
N GLN D 76 -13.05 -22.56 -17.79
CA GLN D 76 -12.11 -21.77 -17.01
C GLN D 76 -11.78 -22.44 -15.67
N LEU D 77 -12.79 -22.99 -15.01
CA LEU D 77 -12.59 -23.69 -13.73
C LEU D 77 -11.70 -24.92 -13.84
N LEU D 78 -11.97 -25.75 -14.84
CA LEU D 78 -11.21 -26.98 -15.06
C LEU D 78 -9.78 -26.62 -15.30
N THR D 79 -9.57 -25.59 -16.11
CA THR D 79 -8.24 -25.10 -16.44
C THR D 79 -7.49 -24.59 -15.20
N ALA D 80 -8.15 -23.82 -14.36
CA ALA D 80 -7.50 -23.31 -13.14
C ALA D 80 -7.16 -24.49 -12.24
N GLU D 81 -8.11 -25.40 -12.08
CA GLU D 81 -7.93 -26.58 -11.23
C GLU D 81 -6.82 -27.44 -11.77
N ARG D 82 -6.67 -27.45 -13.09
CA ARG D 82 -5.62 -28.26 -13.67
C ARG D 82 -4.25 -27.64 -13.35
N ALA D 83 -4.21 -26.30 -13.34
CA ALA D 83 -2.99 -25.58 -12.97
C ALA D 83 -2.67 -25.86 -11.51
N TRP D 84 -3.71 -25.85 -10.68
CA TRP D 84 -3.56 -26.13 -9.27
C TRP D 84 -3.07 -27.55 -8.98
N ALA D 85 -3.69 -28.53 -9.65
CA ALA D 85 -3.40 -29.93 -9.43
C ALA D 85 -1.94 -30.21 -9.80
N HIS D 86 -1.49 -29.59 -10.88
CA HIS D 86 -0.13 -29.73 -11.38
C HIS D 86 0.90 -29.29 -10.34
N ALA D 87 0.64 -28.14 -9.72
CA ALA D 87 1.52 -27.59 -8.69
C ALA D 87 1.54 -28.49 -7.46
N ALA D 89 0.86 -31.67 -7.37
CA ALA D 89 1.59 -32.90 -7.72
C ALA D 89 3.11 -32.74 -7.62
N LYS D 91 4.60 -30.60 -5.79
CA LYS D 91 4.88 -30.36 -4.37
C LYS D 91 4.87 -31.66 -3.58
N ALA D 92 3.92 -32.52 -3.92
CA ALA D 92 3.76 -33.79 -3.26
C ALA D 92 5.00 -34.67 -3.48
N ALA D 93 5.57 -34.61 -4.69
CA ALA D 93 6.73 -35.45 -5.04
C ALA D 93 7.88 -35.16 -4.10
N HIS D 94 7.98 -33.90 -3.67
CA HIS D 94 9.07 -33.49 -2.81
C HIS D 94 8.72 -33.53 -1.33
N SER D 95 7.57 -34.12 -0.98
CA SER D 95 7.17 -34.15 0.43
C SER D 95 7.99 -35.13 1.26
N ALA D 96 9.08 -35.61 0.69
CA ALA D 96 9.98 -36.50 1.41
C ALA D 96 11.09 -35.67 2.08
N ASN D 97 11.27 -34.45 1.57
CA ASN D 97 12.29 -33.53 2.07
C ASN D 97 12.09 -32.13 1.49
N GLY D 100 15.28 -29.93 2.28
CA GLY D 100 14.71 -28.69 1.81
C GLY D 100 14.61 -28.63 0.29
N THR D 102 14.48 -27.44 -3.51
CA THR D 102 15.35 -26.47 -4.19
C THR D 102 14.55 -25.24 -4.58
N GLY D 103 15.20 -24.08 -4.60
CA GLY D 103 14.53 -22.86 -5.02
C GLY D 103 14.01 -22.94 -6.44
N ARG D 104 14.70 -23.72 -7.28
CA ARG D 104 14.29 -23.86 -8.67
C ARG D 104 12.94 -24.52 -8.79
N THR D 105 12.73 -25.56 -8.00
CA THR D 105 11.45 -26.27 -8.00
C THR D 105 10.32 -25.41 -7.43
N ARG D 106 10.63 -24.71 -6.34
CA ARG D 106 9.65 -23.89 -5.66
C ARG D 106 9.12 -22.88 -6.66
N SER D 107 10.03 -22.40 -7.48
CA SER D 107 9.73 -21.41 -8.50
C SER D 107 8.72 -21.93 -9.51
N HIS D 108 8.88 -23.19 -9.91
CA HIS D 108 8.00 -23.78 -10.91
C HIS D 108 6.60 -24.06 -10.37
N ILE D 109 6.54 -24.47 -9.12
CA ILE D 109 5.28 -24.70 -8.45
C ILE D 109 4.47 -23.42 -8.45
N VAL D 110 5.17 -22.32 -8.14
CA VAL D 110 4.59 -21.00 -8.04
C VAL D 110 4.05 -20.51 -9.38
N SER D 111 4.79 -20.75 -10.46
CA SER D 111 4.29 -20.39 -11.79
C SER D 111 2.93 -21.03 -12.10
N ARG D 112 2.74 -22.30 -11.75
CA ARG D 112 1.48 -22.96 -12.07
C ARG D 112 0.36 -22.41 -11.23
N LEU D 113 0.60 -22.22 -9.94
CA LEU D 113 -0.37 -21.58 -9.07
C LEU D 113 -0.72 -20.16 -9.54
N GLU D 114 0.27 -19.40 -9.99
CA GLU D 114 -0.04 -18.05 -10.46
C GLU D 114 -0.89 -18.07 -11.71
N LYS D 115 -0.62 -19.05 -12.58
CA LYS D 115 -1.39 -19.21 -13.81
C LYS D 115 -2.85 -19.51 -13.45
N GLY D 116 -3.07 -20.37 -12.47
CA GLY D 116 -4.42 -20.70 -12.04
C GLY D 116 -5.16 -19.50 -11.45
N ALA D 117 -4.42 -18.70 -10.68
CA ALA D 117 -4.97 -17.51 -10.06
C ALA D 117 -5.42 -16.52 -11.11
N ARG D 118 -4.58 -16.29 -12.12
CA ARG D 118 -4.91 -15.36 -13.20
C ARG D 118 -6.18 -15.76 -13.93
N ILE D 119 -6.34 -17.05 -14.18
CA ILE D 119 -7.52 -17.55 -14.86
C ILE D 119 -8.74 -17.36 -13.96
N ALA D 120 -8.58 -17.68 -12.69
CA ALA D 120 -9.66 -17.54 -11.73
C ALA D 120 -10.01 -16.07 -11.54
N GLU D 121 -9.00 -15.21 -11.53
CA GLU D 121 -9.21 -13.77 -11.35
C GLU D 121 -9.92 -13.14 -12.54
N LYS D 122 -9.51 -13.54 -13.75
CA LYS D 122 -10.15 -13.06 -14.97
C LYS D 122 -11.57 -13.54 -15.06
N LEU D 123 -11.84 -14.70 -14.49
CA LEU D 123 -13.18 -15.23 -14.47
C LEU D 123 -14.06 -14.34 -13.57
N ALA D 124 -13.50 -13.95 -12.43
CA ALA D 124 -14.21 -13.11 -11.48
C ALA D 124 -14.55 -11.77 -12.11
N GLN D 125 -13.58 -11.16 -12.79
CA GLN D 125 -13.79 -9.85 -13.39
C GLN D 125 -14.88 -9.91 -14.46
N ALA D 126 -14.90 -10.99 -15.24
CA ALA D 126 -15.93 -11.15 -16.27
C ALA D 126 -17.30 -11.36 -15.65
N LEU D 127 -17.36 -12.18 -14.61
CA LEU D 127 -18.60 -12.45 -13.90
C LEU D 127 -19.26 -11.19 -13.32
N SER D 128 -18.45 -10.21 -12.94
CA SER D 128 -19.03 -9.04 -12.31
C SER D 128 -19.68 -8.10 -13.32
N ASP D 129 -18.83 -7.36 -14.03
CA ASP D 129 -19.25 -6.12 -14.70
C ASP D 129 -20.09 -6.30 -15.98
N GLY D 130 -19.63 -7.14 -16.91
CA GLY D 130 -20.18 -7.11 -18.25
C GLY D 130 -21.56 -7.72 -18.48
N ALA D 131 -22.45 -7.62 -17.48
CA ALA D 131 -23.80 -8.19 -17.58
C ALA D 131 -23.70 -9.64 -18.08
N SER D 132 -22.95 -10.43 -17.32
CA SER D 132 -22.78 -11.86 -17.53
C SER D 132 -24.06 -12.60 -17.18
N GLY D 133 -24.87 -11.95 -16.35
CA GLY D 133 -26.11 -12.51 -15.83
C GLY D 133 -25.93 -13.18 -14.47
N ALA D 134 -24.72 -13.12 -13.93
CA ALA D 134 -24.38 -13.78 -12.68
C ALA D 134 -24.96 -13.09 -11.44
N SER D 135 -25.48 -13.91 -10.53
CA SER D 135 -26.00 -13.44 -9.25
C SER D 135 -24.86 -12.91 -8.40
N PRO D 136 -25.19 -12.07 -7.41
CA PRO D 136 -24.19 -11.57 -6.45
C PRO D 136 -23.45 -12.66 -5.69
N THR D 137 -24.14 -13.76 -5.37
CA THR D 137 -23.50 -14.89 -4.72
C THR D 137 -22.41 -15.51 -5.61
N ASP D 138 -22.65 -15.53 -6.92
CA ASP D 138 -21.65 -16.05 -7.84
C ASP D 138 -20.44 -15.16 -7.86
N ILE D 139 -20.72 -13.87 -7.90
CA ILE D 139 -19.66 -12.88 -8.00
C ILE D 139 -18.74 -12.95 -6.81
N LEU D 140 -19.32 -13.06 -5.62
CA LEU D 140 -18.53 -13.19 -4.40
C LEU D 140 -17.73 -14.50 -4.40
N ASP D 141 -18.41 -15.59 -4.75
CA ASP D 141 -17.84 -16.93 -4.75
C ASP D 141 -16.61 -16.99 -5.66
N ALA D 142 -16.77 -16.47 -6.87
CA ALA D 142 -15.69 -16.32 -7.82
C ALA D 142 -14.56 -15.45 -7.24
N ARG D 143 -14.93 -14.37 -6.57
CA ARG D 143 -13.92 -13.52 -5.97
C ARG D 143 -13.18 -14.25 -4.85
N ALA D 144 -13.88 -14.98 -4.00
CA ALA D 144 -13.20 -15.75 -2.97
C ALA D 144 -12.26 -16.79 -3.58
N TYR D 145 -12.76 -17.58 -4.53
CA TYR D 145 -11.96 -18.65 -5.15
C TYR D 145 -10.67 -18.16 -5.79
N ALA D 146 -10.76 -17.05 -6.51
CA ALA D 146 -9.57 -16.48 -7.12
C ALA D 146 -8.59 -16.12 -6.05
N ALA D 147 -9.11 -15.59 -4.95
CA ALA D 147 -8.29 -15.12 -3.84
C ALA D 147 -7.67 -16.31 -3.13
N LEU D 148 -8.38 -17.43 -3.18
CA LEU D 148 -7.91 -18.66 -2.59
C LEU D 148 -6.69 -19.15 -3.37
N LEU D 149 -6.79 -19.08 -4.70
CA LEU D 149 -5.69 -19.50 -5.57
C LEU D 149 -4.51 -18.55 -5.43
N ARG D 150 -4.82 -17.26 -5.31
CA ARG D 150 -3.74 -16.28 -5.20
C ARG D 150 -2.97 -16.43 -3.90
N GLY D 151 -3.75 -16.69 -2.85
CA GLY D 151 -3.21 -16.92 -1.53
C GLY D 151 -2.31 -18.13 -1.57
N ALA D 152 -2.74 -19.16 -2.29
CA ALA D 152 -1.95 -20.38 -2.41
C ALA D 152 -0.58 -20.10 -3.01
N ALA D 153 -0.59 -19.28 -4.06
CA ALA D 153 0.63 -18.94 -4.77
C ALA D 153 1.61 -18.18 -3.90
N LEU D 154 1.12 -17.14 -3.22
CA LEU D 154 1.98 -16.27 -2.41
C LEU D 154 2.46 -17.07 -1.23
N PHE D 155 1.64 -18.00 -0.79
CA PHE D 155 2.05 -18.87 0.27
C PHE D 155 3.23 -19.69 -0.20
N GLU D 156 3.16 -20.24 -1.41
CA GLU D 156 4.29 -21.00 -1.93
C GLU D 156 5.51 -20.15 -2.31
N LYS D 157 5.27 -18.92 -2.76
CA LYS D 157 6.38 -18.03 -3.09
C LYS D 157 7.03 -17.52 -1.81
N GLN D 158 6.40 -17.85 -0.68
CA GLN D 158 6.88 -17.44 0.63
C GLN D 158 6.78 -15.93 0.89
N ASN D 159 5.85 -15.27 0.21
CA ASN D 159 5.56 -13.87 0.49
C ASN D 159 4.39 -13.81 1.48
N TRP D 160 4.69 -14.03 2.75
CA TRP D 160 3.69 -14.26 3.80
C TRP D 160 2.68 -13.12 3.98
N GLY D 161 3.19 -11.89 3.93
CA GLY D 161 2.36 -10.72 4.04
C GLY D 161 1.34 -10.64 2.94
N ALA D 162 1.75 -10.83 1.68
CA ALA D 162 0.83 -10.71 0.55
C ALA D 162 -0.22 -11.78 0.65
N CYS D 163 0.23 -12.95 1.08
CA CYS D 163 -0.60 -14.13 1.23
C CYS D 163 -1.68 -13.93 2.32
N LEU D 164 -1.32 -13.26 3.42
CA LEU D 164 -2.28 -12.95 4.49
C LEU D 164 -3.38 -12.01 4.01
N LYS D 165 -3.04 -11.06 3.15
CA LYS D 165 -4.05 -10.19 2.57
C LYS D 165 -5.05 -10.98 1.69
N SER D 166 -4.56 -11.88 0.85
CA SER D 166 -5.47 -12.63 -0.02
C SER D 166 -6.40 -13.56 0.74
N TYR D 167 -5.83 -14.31 1.68
CA TYR D 167 -6.60 -15.25 2.48
C TYR D 167 -7.60 -14.52 3.37
N ALA D 168 -7.24 -13.32 3.79
CA ALA D 168 -8.12 -12.49 4.60
C ALA D 168 -9.39 -12.15 3.82
N ILE D 169 -9.21 -11.83 2.54
CA ILE D 169 -10.36 -11.54 1.68
C ILE D 169 -11.30 -12.73 1.65
N CYS D 170 -10.75 -13.89 1.35
CA CYS D 170 -11.60 -15.05 1.23
C CYS D 170 -12.14 -15.49 2.59
N ARG D 171 -11.42 -15.22 3.67
CA ARG D 171 -11.96 -15.52 5.01
C ARG D 171 -13.27 -14.75 5.26
N ILE D 172 -13.29 -13.49 4.86
CA ILE D 172 -14.46 -12.63 4.98
C ILE D 172 -15.60 -13.08 4.06
N ILE D 173 -15.27 -13.33 2.80
CA ILE D 173 -16.27 -13.74 1.81
C ILE D 173 -16.90 -15.06 2.19
N TYR D 174 -16.05 -16.02 2.57
CA TYR D 174 -16.54 -17.34 2.91
C TYR D 174 -17.41 -17.30 4.17
N THR D 175 -17.08 -16.45 5.13
CA THR D 175 -17.91 -16.32 6.33
C THR D 175 -19.29 -15.73 6.00
N ALA D 176 -19.34 -14.83 5.03
CA ALA D 176 -20.60 -14.27 4.56
C ALA D 176 -21.42 -15.36 3.85
N LEU D 177 -20.75 -16.13 3.00
CA LEU D 177 -21.40 -17.19 2.27
C LEU D 177 -21.84 -18.32 3.21
N ALA D 178 -21.15 -18.46 4.34
CA ALA D 178 -21.49 -19.48 5.33
C ALA D 178 -22.88 -19.12 5.81
N THR D 179 -23.04 -17.84 6.12
CA THR D 179 -24.28 -17.29 6.63
C THR D 179 -25.38 -17.50 5.59
N SER D 180 -25.02 -17.48 4.31
CA SER D 180 -25.98 -17.75 3.24
C SER D 180 -26.47 -19.21 3.30
N SER D 181 -25.61 -20.17 3.63
CA SER D 181 -26.08 -21.56 3.73
C SER D 181 -26.00 -22.24 5.12
N LYS D 182 -25.48 -21.53 6.12
CA LYS D 182 -25.34 -22.03 7.50
C LYS D 182 -24.44 -23.27 7.62
N GLY D 183 -23.40 -23.32 6.81
CA GLY D 183 -22.43 -24.40 6.84
C GLY D 183 -22.63 -25.68 6.06
N ASP D 184 -22.62 -25.56 4.73
CA ASP D 184 -22.56 -26.71 3.87
C ASP D 184 -21.10 -27.17 3.74
N ILE D 185 -20.29 -26.33 3.11
CA ILE D 185 -18.87 -26.61 2.92
C ILE D 185 -17.92 -25.50 3.41
N PHE D 186 -18.41 -24.25 3.40
CA PHE D 186 -17.59 -23.09 3.72
C PHE D 186 -17.08 -23.08 5.15
N LYS D 187 -17.87 -23.56 6.10
CA LYS D 187 -17.41 -23.61 7.48
C LYS D 187 -16.18 -24.52 7.56
N GLU D 188 -16.23 -25.60 6.81
CA GLU D 188 -15.14 -26.55 6.72
C GLU D 188 -13.96 -25.95 5.98
N LEU D 189 -14.27 -25.30 4.86
CA LEU D 189 -13.23 -24.77 4.01
C LEU D 189 -12.43 -23.75 4.78
N LEU D 190 -13.11 -23.00 5.64
CA LEU D 190 -12.46 -22.08 6.56
C LEU D 190 -11.70 -22.90 7.59
N SER D 191 -12.34 -23.92 8.12
CA SER D 191 -11.77 -24.75 9.18
C SER D 191 -10.54 -25.50 8.71
N ASP D 192 -10.61 -26.04 7.49
CA ASP D 192 -9.61 -27.00 7.04
C ASP D 192 -8.47 -26.42 6.20
N THR D 193 -8.68 -25.24 5.63
CA THR D 193 -7.69 -24.67 4.73
C THR D 193 -7.28 -23.24 5.08
N ILE D 194 -8.26 -22.36 5.16
CA ILE D 194 -7.98 -20.95 5.27
C ILE D 194 -7.42 -20.62 6.64
N ASP D 195 -8.10 -21.01 7.71
CA ASP D 195 -7.56 -20.77 9.04
C ASP D 195 -6.17 -21.37 9.23
N PRO D 196 -5.98 -22.66 8.89
CA PRO D 196 -4.65 -23.22 9.16
C PRO D 196 -3.53 -22.53 8.39
N SER D 197 -3.80 -22.11 7.16
CA SER D 197 -2.77 -21.47 6.35
C SER D 197 -2.41 -20.12 6.91
N ARG D 199 -2.68 -19.05 10.02
CA ARG D 199 -1.95 -19.21 11.28
C ARG D 199 -0.50 -19.53 10.95
N PHE D 200 -0.34 -20.36 9.95
CA PHE D 200 0.97 -20.80 9.53
C PHE D 200 1.77 -19.63 8.97
N ALA D 201 1.16 -18.96 7.99
CA ALA D 201 1.81 -17.86 7.30
C ALA D 201 2.15 -16.73 8.26
N ALA D 202 1.32 -16.54 9.28
CA ALA D 202 1.58 -15.46 10.22
C ALA D 202 2.82 -15.80 11.03
N TYR D 203 2.98 -17.08 11.36
CA TYR D 203 4.15 -17.53 12.10
C TYR D 203 5.43 -17.21 11.33
N GLN D 204 5.41 -17.48 10.04
CA GLN D 204 6.58 -17.31 9.18
C GLN D 204 7.07 -15.88 9.13
N ALA D 205 6.13 -14.94 9.23
CA ALA D 205 6.45 -13.51 9.18
C ALA D 205 6.95 -12.98 10.51
N LYS D 206 6.90 -13.84 11.54
CA LYS D 206 7.16 -13.43 12.92
C LYS D 206 8.61 -13.10 13.26
N ILE D 207 9.53 -13.42 12.34
CA ILE D 207 10.96 -13.11 12.47
C ILE D 207 11.57 -13.90 13.62
N ARG D 209 13.32 -14.67 17.01
CA ARG D 209 13.84 -14.05 18.22
C ARG D 209 15.34 -14.33 18.36
N THR D 210 15.96 -13.68 19.33
CA THR D 210 17.38 -13.83 19.57
C THR D 210 17.63 -15.10 20.37
N LEU D 211 18.54 -15.89 19.83
CA LEU D 211 18.97 -17.15 20.42
C LEU D 211 19.69 -16.85 21.75
N PRO D 212 19.42 -17.64 22.81
CA PRO D 212 19.85 -17.22 24.15
C PRO D 212 21.36 -17.13 24.34
N ILE D 213 21.75 -16.11 25.11
CA ILE D 213 23.15 -15.68 25.20
C ILE D 213 23.42 -14.98 26.52
N ALA D 214 24.66 -15.10 26.98
CA ALA D 214 25.07 -14.44 28.21
C ALA D 214 25.50 -12.99 28.04
N THR D 215 26.03 -12.62 26.88
CA THR D 215 26.58 -11.27 26.64
C THR D 215 25.60 -10.14 26.96
N ILE D 216 26.17 -9.07 27.52
CA ILE D 216 25.45 -7.90 27.98
C ILE D 216 24.74 -7.19 26.84
N ALA D 217 23.45 -6.93 27.05
CA ALA D 217 22.64 -6.21 26.09
C ALA D 217 23.20 -4.82 25.78
#